data_3HIZ
#
_entry.id   3HIZ
#
_cell.length_a   115.316
_cell.length_b   120.697
_cell.length_c   153.963
_cell.angle_alpha   90.00
_cell.angle_beta   90.00
_cell.angle_gamma   90.00
#
_symmetry.space_group_name_H-M   'P 21 21 21'
#
loop_
_entity.id
_entity.type
_entity.pdbx_description
1 polymer 'Phosphatidylinositol-4,5-bisphosphate 3-kinase catalytic subunit alpha isoform'
2 polymer 'Phosphatidylinositol 3-kinase regulatory subunit alpha'
#
loop_
_entity_poly.entity_id
_entity_poly.type
_entity_poly.pdbx_seq_one_letter_code
_entity_poly.pdbx_strand_id
1 'polypeptide(L)'
;MSYYHHHHHHDYDIPTTENLYFQGAMGSMPPRPSSGELWGIHLMPPRILVECLLPNGMIVTLECLREATLITIKHELFKE
ARKYPLHQLLQDESSYIFVSVTQEAEREEFFDETRRLCDLRLFQPFLKVIEPVGNREEKILNREIGFAIGMPVCEFDMVK
DPEVQDFRRNILNVCKEAVDLRDLNSPHSRAMYVYPPNVESSPELPKHIYNKLDKGQIIVVIWVIVSPNNDKQKYTLKIN
HDCVPEQVIAEAIRKKTRSMLLSSEQLKLCVLEYQGKYILKVCGCDEYFLEKYPLSQYKYIRSCIMLGRMPNLMLMAKES
LYSQLPMDCFTMPSYSRRISTATPYMNGETSTKSLWVINSALRIKILCATYVNVNIRDIDKIYVRTGIYHGGEPLCDNVN
TQRVPCSNPRWNEWLNYDIYIPDLPRAARLCLSICSVKGRKGAKEEHCPLAWGNINLFDYTDTLVSGKMALNLWPVPHGL
EDLLNPIGVTGSNPNKETPCLELEFDWFSSVVKFPDMSVIEEHANWSVSREAGFSYSHAGLSNRLARDNELRENDKEQLK
AISTRDPLSEITEQEKDFLWSHRHYCVTIPEILPKLLLSVKWNSRDEVAQMYCLVKDWPPIKPEQAMELLDCNYPDPMVR
GFAVRCLEKYLTDDKLSQYLIQLVQVLKYEQYLDNLLVRFLLKKALTNQRIGHFFFWHLKSEMHNKTVSQRFGLLLESYC
RACGMYLKHLNRQVEAMEKLINLTDILKQEKKDETQKVQMKFLVEQMRRPDFMDALQGFLSPLNPAHQLGNLRLEECRIM
SSAKRPLWLNWENPDIMSELLFQNNEIIFKNGDDLRQDMLTLQIIRIMENIWQNQGLDLRMLPYGCLSIGDCVGLIEVVR
NSHTIMQIQCKGGLKGALQFNSHTLHQWLKDKNKGEIYDAAIDLFTRSCAGYCVATFILGIGDRHNSNIMVKDDGQLFHI
DFGHFLDHKKKKFGYKRERVPFVLTQDFLIVISKGAQECTKTREFERFQEMCYKAYLAIRQHANLFINLFSMMLGSGMPE
LQSFDDIAYIRKTLALDKTEQEALEYFMKQMNDARHGGWTTKMDWIFHTIKQHALN
;
A
2 'polypeptide(L)'
;MNNNMSLQNAEWYWGDISREEVNEKLRDTADGTFLVRDASTKMHGDYTLTLRKGGNNKLIKIFHRDGKYGFSDPLTFSSV
VELINHYRNESLAQYNPKLDVKLLYPVSKYQQDQVVKEDNIEAVGKKLHEYNTQFQEKSREYDRLYEEYTRTSQEIQMKR
TAIEAFNETIKIFEEQCQTQERYSKEYIEKFKREGNEKEIQRIMHNYDKLKSRISEIIDSRRRLEEDLKKQAAEYREIDK
RMNSIKPDLIQLRKTRDQYLMWLTQKGVRQKKLNEWLGNENTEDQYSLVEDDEDLPHHDEKTWNVGSSNRNKAENLLRGK
RDGTFLVRESSKQGCYACSVVVDGEVKHCVINKTATGYGFAEPYNLYSSLKEL
;
B
#
# COMPACT_ATOMS: atom_id res chain seq x y z
N SER A 2 -2.17 12.55 18.11
CA SER A 2 -0.91 13.14 17.57
C SER A 2 0.12 13.35 18.68
N TYR A 3 0.33 14.62 19.07
CA TYR A 3 1.22 15.00 20.18
C TYR A 3 0.49 14.95 21.52
N TYR A 4 -0.08 16.09 21.92
CA TYR A 4 -1.16 16.14 22.92
C TYR A 4 -2.37 15.59 22.19
N HIS A 5 -3.08 14.65 22.80
CA HIS A 5 -4.03 13.79 22.06
C HIS A 5 -5.17 14.54 21.36
N HIS A 6 -4.81 15.55 20.58
CA HIS A 6 -5.75 16.50 19.97
C HIS A 6 -6.68 17.16 21.03
N HIS A 7 -6.16 17.32 22.24
CA HIS A 7 -6.87 17.98 23.33
C HIS A 7 -6.55 19.47 23.40
N HIS A 8 -7.52 20.27 22.98
CA HIS A 8 -7.46 21.71 23.00
C HIS A 8 -7.58 22.26 24.42
N HIS A 9 -6.71 23.20 24.77
CA HIS A 9 -6.86 23.98 25.99
C HIS A 9 -7.53 25.28 25.57
N HIS A 10 -8.83 25.42 25.90
CA HIS A 10 -9.65 26.52 25.36
C HIS A 10 -9.42 27.86 26.04
N ASP A 11 -8.16 28.19 26.26
CA ASP A 11 -7.78 29.34 27.07
C ASP A 11 -6.30 29.65 26.82
N TYR A 12 -6.06 30.69 26.02
CA TYR A 12 -4.71 31.14 25.74
C TYR A 12 -4.69 32.49 25.01
N ASP A 13 -5.56 33.41 25.44
CA ASP A 13 -5.50 34.80 24.96
C ASP A 13 -4.27 35.49 25.56
N ILE A 14 -3.11 35.08 25.05
CA ILE A 14 -1.74 35.50 25.46
C ILE A 14 -1.45 35.85 26.96
N PRO A 15 -1.74 37.11 27.41
CA PRO A 15 -1.49 37.56 28.80
C PRO A 15 -1.36 36.54 29.98
N THR A 16 -0.14 36.03 30.18
CA THR A 16 0.21 35.22 31.37
C THR A 16 1.03 36.11 32.33
N THR A 17 2.00 36.84 31.75
CA THR A 17 2.54 38.06 32.35
C THR A 17 2.26 39.18 31.32
N GLU A 18 0.97 39.54 31.21
CA GLU A 18 0.46 40.52 30.22
C GLU A 18 0.69 40.09 28.77
N PRO A 33 1.98 -17.23 5.63
CA PRO A 33 2.37 -18.19 6.68
C PRO A 33 1.50 -18.04 7.92
N SER A 34 2.06 -18.39 9.08
CA SER A 34 1.52 -18.02 10.39
C SER A 34 2.56 -18.12 11.53
N SER A 35 2.30 -17.40 12.62
CA SER A 35 3.21 -17.35 13.76
C SER A 35 3.18 -18.67 14.57
N GLY A 36 3.31 -18.56 15.89
CA GLY A 36 3.48 -19.73 16.75
C GLY A 36 4.97 -19.92 17.02
N GLU A 37 5.32 -20.20 18.25
CA GLU A 37 6.70 -20.55 18.58
C GLU A 37 6.74 -22.04 18.64
N LEU A 38 7.25 -22.68 17.59
CA LEU A 38 7.16 -24.13 17.39
C LEU A 38 6.00 -24.49 16.47
N TRP A 39 6.30 -25.30 15.47
CA TRP A 39 5.33 -25.74 14.48
C TRP A 39 4.17 -26.51 15.10
N GLY A 40 2.95 -26.04 14.83
CA GLY A 40 1.76 -26.63 15.42
C GLY A 40 1.33 -25.91 16.68
N ILE A 41 2.12 -26.07 17.74
CA ILE A 41 1.88 -25.42 19.04
C ILE A 41 2.06 -23.89 19.01
N HIS A 42 0.99 -23.17 19.36
CA HIS A 42 1.01 -21.71 19.53
C HIS A 42 1.95 -21.20 20.63
N LEU A 43 2.06 -21.98 21.71
CA LEU A 43 2.83 -21.62 22.93
C LEU A 43 3.45 -22.88 23.52
N MET A 44 4.78 -22.95 23.54
CA MET A 44 5.45 -24.08 24.17
C MET A 44 5.16 -24.11 25.67
N PRO A 45 5.10 -25.32 26.26
CA PRO A 45 4.79 -25.52 27.68
C PRO A 45 5.82 -24.80 28.56
N PRO A 46 5.49 -24.54 29.83
CA PRO A 46 6.44 -23.90 30.72
C PRO A 46 7.81 -24.55 30.66
N ARG A 47 7.84 -25.86 30.46
CA ARG A 47 9.07 -26.64 30.27
C ARG A 47 9.03 -27.51 29.01
N ILE A 48 10.18 -27.65 28.34
CA ILE A 48 10.27 -28.59 27.19
C ILE A 48 11.43 -29.58 27.28
N LEU A 49 11.29 -30.69 26.56
CA LEU A 49 12.42 -31.57 26.31
C LEU A 49 13.00 -31.13 24.99
N VAL A 50 14.13 -30.45 25.01
CA VAL A 50 14.81 -30.18 23.74
C VAL A 50 15.99 -31.11 23.54
N GLU A 51 15.95 -31.88 22.47
CA GLU A 51 17.04 -32.78 22.15
C GLU A 51 18.18 -31.99 21.55
N CYS A 52 19.37 -32.19 22.13
CA CYS A 52 20.58 -31.56 21.65
C CYS A 52 21.47 -32.59 21.00
N LEU A 53 21.81 -32.35 19.74
CA LEU A 53 22.63 -33.27 18.95
C LEU A 53 24.08 -32.79 19.00
N LEU A 54 24.94 -33.58 19.63
CA LEU A 54 26.33 -33.18 19.88
C LEU A 54 27.30 -33.60 18.76
N PRO A 55 28.46 -32.90 18.63
CA PRO A 55 29.52 -33.25 17.67
C PRO A 55 30.24 -34.55 18.05
N ASN A 56 30.11 -34.95 19.32
CA ASN A 56 30.57 -36.26 19.76
C ASN A 56 29.68 -37.37 19.20
N GLY A 57 28.54 -36.99 18.61
CA GLY A 57 27.64 -37.90 17.92
C GLY A 57 26.41 -38.35 18.71
N MET A 58 26.22 -37.78 19.89
CA MET A 58 25.19 -38.29 20.78
C MET A 58 24.12 -37.28 21.19
N ILE A 59 22.87 -37.68 20.96
CA ILE A 59 21.71 -36.92 21.36
C ILE A 59 21.50 -37.09 22.87
N VAL A 60 21.81 -36.04 23.64
CA VAL A 60 21.41 -35.97 25.04
C VAL A 60 20.15 -35.09 25.09
N THR A 61 19.08 -35.63 25.65
CA THR A 61 17.81 -34.90 25.70
C THR A 61 17.76 -34.09 26.99
N LEU A 62 17.54 -32.79 26.82
CA LEU A 62 17.68 -31.81 27.91
C LEU A 62 16.37 -31.07 28.21
N GLU A 63 16.07 -30.97 29.50
CA GLU A 63 14.82 -30.36 29.99
C GLU A 63 14.99 -28.87 30.32
N CYS A 64 14.38 -28.01 29.49
CA CYS A 64 14.55 -26.57 29.60
C CYS A 64 13.21 -25.92 29.86
N LEU A 65 13.20 -24.84 30.65
CA LEU A 65 12.02 -23.98 30.76
C LEU A 65 11.98 -23.19 29.46
N ARG A 66 10.79 -22.78 29.02
CA ARG A 66 10.72 -22.20 27.69
C ARG A 66 11.48 -20.89 27.61
N GLU A 67 11.41 -20.07 28.65
CA GLU A 67 12.08 -18.76 28.61
C GLU A 67 13.61 -18.81 28.59
N ALA A 68 14.18 -20.00 28.77
CA ALA A 68 15.63 -20.19 28.85
C ALA A 68 16.38 -19.47 27.77
N THR A 69 17.48 -18.81 28.13
CA THR A 69 18.37 -18.18 27.15
C THR A 69 19.33 -19.22 26.59
N LEU A 70 19.89 -18.96 25.41
CA LEU A 70 20.81 -19.92 24.79
C LEU A 70 22.13 -20.04 25.55
N ILE A 71 22.58 -18.95 26.16
CA ILE A 71 23.77 -19.00 27.02
C ILE A 71 23.58 -20.08 28.07
N THR A 72 22.41 -20.08 28.71
CA THR A 72 22.10 -21.05 29.80
C THR A 72 21.70 -22.45 29.34
N ILE A 73 21.14 -22.59 28.13
CA ILE A 73 20.90 -23.94 27.59
C ILE A 73 22.26 -24.58 27.32
N LYS A 74 23.15 -23.81 26.70
CA LYS A 74 24.51 -24.30 26.45
C LYS A 74 25.13 -24.81 27.74
N HIS A 75 25.19 -23.95 28.75
CA HIS A 75 25.74 -24.34 30.03
C HIS A 75 25.19 -25.71 30.45
N GLU A 76 23.88 -25.78 30.70
CA GLU A 76 23.19 -27.03 31.09
C GLU A 76 23.49 -28.23 30.20
N LEU A 77 23.52 -28.02 28.88
CA LEU A 77 23.83 -29.09 27.93
C LEU A 77 25.22 -29.64 28.20
N PHE A 78 26.19 -28.73 28.36
CA PHE A 78 27.56 -29.14 28.54
C PHE A 78 27.88 -29.75 29.92
N LYS A 79 27.20 -29.23 30.95
CA LYS A 79 27.31 -29.82 32.26
C LYS A 79 26.78 -31.25 32.15
N GLU A 80 25.57 -31.39 31.61
CA GLU A 80 24.86 -32.69 31.58
C GLU A 80 25.38 -33.63 30.50
N ALA A 81 26.26 -33.14 29.63
CA ALA A 81 26.82 -33.97 28.55
C ALA A 81 28.01 -34.82 29.01
N ARG A 82 28.73 -34.32 30.01
CA ARG A 82 29.87 -35.04 30.56
C ARG A 82 29.41 -36.21 31.45
N LYS A 83 28.11 -36.50 31.39
CA LYS A 83 27.53 -37.66 32.05
C LYS A 83 27.26 -38.76 31.01
N TYR A 84 27.70 -38.51 29.78
CA TYR A 84 27.46 -39.39 28.64
C TYR A 84 28.82 -39.78 28.06
N PRO A 85 28.85 -40.80 27.18
CA PRO A 85 30.08 -41.25 26.50
C PRO A 85 30.82 -40.18 25.69
N LEU A 86 32.13 -40.39 25.50
CA LEU A 86 32.97 -39.55 24.63
C LEU A 86 33.11 -38.08 25.07
N HIS A 87 33.01 -37.82 26.37
CA HIS A 87 32.92 -36.45 26.90
C HIS A 87 34.24 -35.65 26.93
N GLN A 88 35.36 -36.38 26.97
CA GLN A 88 36.68 -35.76 26.84
C GLN A 88 36.81 -35.23 25.42
N LEU A 89 36.16 -35.92 24.49
CA LEU A 89 36.02 -35.52 23.10
C LEU A 89 35.07 -34.31 23.00
N LEU A 90 35.47 -33.21 23.64
CA LEU A 90 34.63 -32.00 23.75
C LEU A 90 35.43 -30.82 23.23
N GLN A 91 34.91 -29.61 23.43
CA GLN A 91 35.67 -28.40 23.20
C GLN A 91 35.16 -27.30 24.13
N ASP A 92 35.84 -27.16 25.28
CA ASP A 92 35.51 -26.15 26.30
C ASP A 92 34.01 -26.05 26.63
N GLU A 93 33.29 -25.33 25.75
CA GLU A 93 31.87 -25.06 25.84
C GLU A 93 31.58 -23.94 24.85
N SER A 94 32.15 -22.76 25.09
CA SER A 94 32.02 -21.66 24.13
C SER A 94 33.08 -21.82 23.04
N SER A 95 32.70 -22.59 22.03
CA SER A 95 33.50 -22.86 20.85
C SER A 95 32.50 -23.20 19.75
N TYR A 96 31.26 -23.49 20.16
CA TYR A 96 30.29 -24.22 19.32
C TYR A 96 29.18 -23.42 18.65
N ILE A 97 28.26 -22.84 19.42
CA ILE A 97 27.12 -22.09 18.84
C ILE A 97 26.08 -23.02 18.19
N PHE A 98 24.82 -22.93 18.65
CA PHE A 98 23.76 -23.84 18.20
C PHE A 98 23.33 -23.61 16.75
N VAL A 99 22.86 -24.67 16.10
CA VAL A 99 22.14 -24.53 14.83
C VAL A 99 20.89 -25.40 14.82
N SER A 100 19.79 -24.88 14.30
CA SER A 100 18.63 -25.72 14.12
C SER A 100 17.85 -25.34 12.88
N VAL A 101 16.66 -25.93 12.71
CA VAL A 101 15.79 -25.65 11.57
C VAL A 101 14.62 -24.80 12.02
N THR A 102 14.51 -23.59 11.45
CA THR A 102 13.41 -22.70 11.81
C THR A 102 12.19 -23.01 10.93
N GLN A 103 11.00 -22.54 11.30
CA GLN A 103 9.79 -22.82 10.53
C GLN A 103 9.67 -22.04 9.23
N GLU A 104 10.80 -21.47 8.80
CA GLU A 104 10.94 -21.00 7.43
C GLU A 104 11.79 -22.02 6.66
N ALA A 105 11.84 -23.23 7.21
CA ALA A 105 12.49 -24.41 6.62
C ALA A 105 14.01 -24.32 6.46
N GLU A 106 14.61 -23.25 6.97
CA GLU A 106 16.06 -23.04 6.83
C GLU A 106 16.84 -23.44 8.09
N ARG A 107 18.08 -23.88 7.88
CA ARG A 107 19.04 -24.07 8.96
C ARG A 107 19.51 -22.69 9.39
N GLU A 108 19.60 -22.46 10.70
CA GLU A 108 20.00 -21.15 11.19
C GLU A 108 21.06 -21.25 12.27
N GLU A 109 22.19 -20.58 12.07
CA GLU A 109 23.18 -20.42 13.14
C GLU A 109 22.64 -19.38 14.13
N PHE A 110 22.61 -19.72 15.41
CA PHE A 110 22.05 -18.82 16.42
C PHE A 110 23.10 -17.98 17.15
N PHE A 111 23.83 -17.18 16.38
CA PHE A 111 24.99 -16.46 16.88
C PHE A 111 24.77 -15.68 18.16
N ASP A 112 23.66 -14.95 18.24
CA ASP A 112 23.30 -14.22 19.46
C ASP A 112 22.66 -15.15 20.49
N GLU A 113 23.39 -15.44 21.57
CA GLU A 113 22.94 -16.47 22.50
C GLU A 113 22.15 -15.92 23.70
N THR A 114 21.69 -14.67 23.55
CA THR A 114 20.66 -14.10 24.42
C THR A 114 19.29 -14.54 23.95
N ARG A 115 19.18 -14.92 22.68
CA ARG A 115 17.90 -15.26 22.13
C ARG A 115 17.26 -16.37 22.98
N ARG A 116 16.01 -16.14 23.39
CA ARG A 116 15.31 -17.12 24.25
C ARG A 116 14.82 -18.30 23.45
N LEU A 117 14.76 -19.45 24.08
CA LEU A 117 14.22 -20.62 23.40
C LEU A 117 12.84 -20.35 22.79
N CYS A 118 11.95 -19.66 23.49
CA CYS A 118 10.62 -19.41 22.96
C CYS A 118 10.62 -18.44 21.75
N ASP A 119 11.79 -17.88 21.45
CA ASP A 119 11.91 -16.81 20.46
C ASP A 119 12.49 -17.26 19.16
N LEU A 120 13.35 -18.28 19.22
CA LEU A 120 13.87 -18.91 18.01
C LEU A 120 12.66 -19.50 17.31
N ARG A 121 12.51 -19.29 16.01
CA ARG A 121 11.29 -19.79 15.38
C ARG A 121 11.45 -21.25 15.02
N LEU A 122 11.86 -22.06 15.99
CA LEU A 122 12.16 -23.47 15.77
C LEU A 122 10.98 -24.25 15.20
N PHE A 123 11.28 -25.39 14.61
CA PHE A 123 10.26 -26.22 13.98
C PHE A 123 9.91 -27.39 14.88
N GLN A 124 10.94 -28.10 15.32
CA GLN A 124 10.81 -29.14 16.32
C GLN A 124 11.90 -28.90 17.38
N PRO A 125 11.61 -29.18 18.67
CA PRO A 125 12.53 -28.82 19.75
C PRO A 125 13.80 -29.68 19.75
N PHE A 126 14.78 -29.24 18.95
CA PHE A 126 16.09 -29.87 18.88
C PHE A 126 17.07 -28.81 18.45
N LEU A 127 18.30 -28.94 18.93
CA LEU A 127 19.33 -28.02 18.51
C LEU A 127 20.56 -28.83 18.13
N LYS A 128 21.16 -28.50 16.99
CA LYS A 128 22.42 -29.10 16.62
C LYS A 128 23.55 -28.26 17.20
N VAL A 129 24.61 -28.95 17.60
CA VAL A 129 25.85 -28.32 18.06
C VAL A 129 26.89 -28.47 16.97
N ILE A 130 27.27 -27.36 16.35
CA ILE A 130 28.42 -27.39 15.43
C ILE A 130 29.47 -26.32 15.67
N GLU A 131 30.29 -26.10 14.64
CA GLU A 131 31.44 -25.22 14.69
C GLU A 131 31.28 -24.13 13.63
N PRO A 132 31.57 -22.87 14.00
CA PRO A 132 31.59 -21.70 13.10
C PRO A 132 32.51 -21.80 11.85
N VAL A 133 32.35 -22.87 11.07
CA VAL A 133 32.81 -22.96 9.67
C VAL A 133 31.92 -22.05 8.81
N GLY A 134 32.56 -21.12 8.12
CA GLY A 134 31.86 -19.99 7.51
C GLY A 134 32.45 -18.75 8.16
N ASN A 135 32.83 -18.89 9.43
CA ASN A 135 33.72 -17.95 10.12
C ASN A 135 33.40 -16.47 9.90
N ARG A 136 32.18 -16.23 9.40
CA ARG A 136 31.74 -14.90 9.05
C ARG A 136 30.75 -14.32 10.07
N GLU A 137 30.99 -14.59 11.36
CA GLU A 137 30.27 -13.90 12.44
C GLU A 137 30.47 -12.41 12.15
N GLU A 138 29.44 -11.81 11.54
CA GLU A 138 29.42 -10.43 11.06
C GLU A 138 28.55 -10.36 9.82
N LYS A 139 29.01 -11.00 8.74
CA LYS A 139 28.24 -11.09 7.51
C LYS A 139 27.08 -12.06 7.67
N ILE A 140 27.25 -13.06 8.54
CA ILE A 140 26.21 -14.05 8.76
C ILE A 140 25.08 -13.44 9.60
N LEU A 141 25.40 -12.37 10.33
CA LEU A 141 24.38 -11.63 11.07
C LEU A 141 23.54 -10.68 10.18
N ASN A 142 23.66 -10.80 8.86
CA ASN A 142 22.56 -10.39 7.95
C ASN A 142 21.37 -11.37 8.00
N ARG A 143 21.39 -12.27 8.98
CA ARG A 143 20.20 -12.96 9.43
C ARG A 143 19.21 -11.92 9.97
N GLU A 144 19.74 -10.84 10.54
CA GLU A 144 18.93 -9.64 10.84
C GLU A 144 18.15 -9.12 9.62
N ILE A 145 18.83 -8.99 8.47
CA ILE A 145 18.17 -8.53 7.23
C ILE A 145 16.98 -9.41 6.87
N GLY A 146 17.14 -10.71 7.01
CA GLY A 146 16.08 -11.68 6.75
C GLY A 146 14.93 -11.55 7.74
N PHE A 147 15.27 -11.39 9.01
CA PHE A 147 14.25 -11.24 10.04
C PHE A 147 13.34 -10.05 9.72
N ALA A 148 13.95 -8.90 9.52
CA ALA A 148 13.24 -7.67 9.30
C ALA A 148 12.30 -7.87 8.13
N ILE A 149 12.85 -8.36 7.02
CA ILE A 149 12.11 -8.61 5.78
C ILE A 149 11.07 -9.67 6.00
N GLY A 150 11.40 -10.63 6.86
CA GLY A 150 10.56 -11.80 7.12
C GLY A 150 10.57 -12.67 5.88
N MET A 151 11.56 -13.55 5.81
CA MET A 151 11.87 -14.30 4.60
C MET A 151 13.37 -14.35 4.51
N PRO A 152 13.93 -15.56 4.56
CA PRO A 152 15.36 -15.66 4.78
C PRO A 152 16.14 -15.17 3.57
N VAL A 153 17.13 -14.30 3.80
CA VAL A 153 17.91 -13.74 2.70
C VAL A 153 18.81 -14.80 2.09
N CYS A 154 18.37 -15.31 0.95
CA CYS A 154 19.06 -16.35 0.18
C CYS A 154 18.05 -17.21 -0.53
N GLU A 155 16.77 -16.93 -0.31
CA GLU A 155 15.79 -17.36 -1.25
C GLU A 155 16.06 -16.54 -2.51
N PHE A 156 16.79 -15.44 -2.33
CA PHE A 156 17.27 -14.63 -3.44
C PHE A 156 18.56 -15.16 -4.05
N ASP A 157 19.46 -15.62 -3.19
CA ASP A 157 20.74 -16.15 -3.62
C ASP A 157 20.59 -17.36 -4.57
N MET A 158 19.42 -18.00 -4.52
CA MET A 158 19.23 -19.19 -5.33
C MET A 158 18.14 -19.05 -6.41
N VAL A 159 18.14 -17.93 -7.15
CA VAL A 159 16.97 -17.65 -8.00
C VAL A 159 17.11 -18.08 -9.47
N LYS A 160 18.23 -17.72 -10.09
CA LYS A 160 18.49 -18.15 -11.47
C LYS A 160 17.65 -17.38 -12.51
N ASP A 161 17.18 -16.20 -12.13
CA ASP A 161 16.59 -15.27 -13.10
C ASP A 161 17.49 -14.03 -13.21
N PRO A 162 17.98 -13.72 -14.43
CA PRO A 162 18.99 -12.67 -14.59
C PRO A 162 18.51 -11.30 -14.08
N GLU A 163 17.22 -10.97 -14.25
CA GLU A 163 16.68 -9.74 -13.69
C GLU A 163 16.77 -9.67 -12.16
N VAL A 164 16.54 -10.78 -11.48
CA VAL A 164 16.61 -10.73 -10.04
C VAL A 164 18.04 -10.51 -9.62
N GLN A 165 18.94 -11.38 -10.08
CA GLN A 165 20.35 -11.26 -9.75
C GLN A 165 20.92 -9.91 -10.14
N ASP A 166 20.48 -9.39 -11.29
CA ASP A 166 20.88 -8.07 -11.71
C ASP A 166 20.46 -7.03 -10.71
N PHE A 167 19.15 -6.87 -10.53
CA PHE A 167 18.63 -5.93 -9.53
C PHE A 167 19.49 -5.89 -8.26
N ARG A 168 19.59 -7.02 -7.56
CA ARG A 168 20.37 -7.06 -6.34
C ARG A 168 21.76 -6.41 -6.46
N ARG A 169 22.45 -6.66 -7.57
CA ARG A 169 23.76 -6.05 -7.82
C ARG A 169 23.68 -4.56 -8.13
N ASN A 170 22.99 -4.22 -9.22
CA ASN A 170 22.87 -2.85 -9.70
C ASN A 170 22.28 -1.81 -8.70
N ILE A 171 21.44 -2.27 -7.77
CA ILE A 171 20.70 -1.39 -6.87
C ILE A 171 21.59 -0.80 -5.76
N LEU A 172 22.80 -1.33 -5.63
CA LEU A 172 23.71 -0.85 -4.60
C LEU A 172 24.31 0.53 -4.94
N ASN A 173 24.43 0.85 -6.23
CA ASN A 173 24.80 2.21 -6.68
C ASN A 173 24.08 3.21 -5.81
N VAL A 174 22.76 3.09 -5.76
CA VAL A 174 21.86 3.89 -4.93
C VAL A 174 22.21 3.86 -3.44
N CYS A 175 22.51 2.68 -2.92
CA CYS A 175 22.85 2.51 -1.51
C CYS A 175 24.18 3.20 -1.18
N LYS A 176 25.18 3.02 -2.03
CA LYS A 176 26.47 3.75 -1.90
C LYS A 176 26.22 5.25 -1.94
N GLU A 177 25.60 5.71 -3.02
CA GLU A 177 25.32 7.13 -3.22
C GLU A 177 24.63 7.71 -2.00
N ALA A 178 23.58 7.04 -1.56
CA ALA A 178 22.79 7.50 -0.43
C ALA A 178 23.60 7.46 0.86
N VAL A 179 24.40 6.42 1.06
CA VAL A 179 25.23 6.35 2.27
C VAL A 179 26.36 7.38 2.25
N ASP A 180 26.80 7.74 1.06
CA ASP A 180 27.79 8.78 0.90
C ASP A 180 27.17 10.13 1.28
N LEU A 181 26.06 10.51 0.65
CA LEU A 181 25.38 11.78 0.94
C LEU A 181 25.23 12.03 2.45
N ARG A 182 24.84 10.99 3.19
CA ARG A 182 24.67 11.02 4.65
C ARG A 182 25.94 11.40 5.44
N ASP A 183 27.09 10.83 5.07
CA ASP A 183 28.32 11.09 5.81
C ASP A 183 29.01 12.35 5.31
N LEU A 184 28.79 12.67 4.03
CA LEU A 184 29.26 13.93 3.43
C LEU A 184 28.70 15.06 4.25
N ASN A 185 29.59 15.90 4.82
CA ASN A 185 29.21 16.93 5.80
C ASN A 185 29.15 16.34 7.25
N SER A 186 30.23 15.62 7.58
CA SER A 186 30.32 14.62 8.67
C SER A 186 29.14 14.51 9.65
N PRO A 187 29.15 15.22 10.79
CA PRO A 187 28.21 14.81 11.86
C PRO A 187 26.80 15.39 11.74
N HIS A 188 26.66 16.55 11.10
CA HIS A 188 25.38 17.22 11.03
C HIS A 188 24.41 16.47 10.13
N SER A 189 24.88 16.01 8.98
CA SER A 189 23.98 15.39 8.03
C SER A 189 23.47 14.07 8.55
N ARG A 190 24.31 13.31 9.24
CA ARG A 190 23.89 12.10 9.96
C ARG A 190 22.67 12.35 10.86
N ALA A 191 22.75 13.37 11.70
CA ALA A 191 21.66 13.83 12.56
C ALA A 191 20.48 14.39 11.76
N MET A 192 20.75 15.04 10.63
CA MET A 192 19.68 15.55 9.78
C MET A 192 18.87 14.39 9.22
N TYR A 193 19.54 13.26 9.03
CA TYR A 193 18.95 12.06 8.45
C TYR A 193 18.21 11.27 9.49
N VAL A 194 18.87 11.02 10.61
CA VAL A 194 18.25 10.27 11.68
C VAL A 194 17.07 11.05 12.27
N TYR A 195 17.17 12.38 12.26
CA TYR A 195 16.14 13.26 12.81
C TYR A 195 15.73 14.35 11.82
N PRO A 196 14.94 14.00 10.79
CA PRO A 196 14.51 15.04 9.86
C PRO A 196 13.75 16.17 10.56
N PRO A 197 13.83 17.39 10.01
CA PRO A 197 12.90 18.41 10.46
C PRO A 197 11.46 18.04 10.04
N ASN A 198 10.55 18.01 11.02
CA ASN A 198 9.11 17.76 10.81
C ASN A 198 8.40 19.06 10.52
N VAL A 199 8.27 19.39 9.24
CA VAL A 199 8.00 20.76 8.82
C VAL A 199 7.02 20.87 7.63
N GLU A 200 6.00 21.72 7.78
CA GLU A 200 5.07 22.10 6.69
C GLU A 200 5.85 22.58 5.47
N SER A 201 5.21 22.60 4.30
CA SER A 201 5.94 22.97 3.05
C SER A 201 5.89 24.46 2.63
N SER A 202 4.87 25.19 3.08
CA SER A 202 4.84 26.65 2.97
C SER A 202 5.19 27.32 4.29
N PRO A 203 6.16 28.26 4.25
CA PRO A 203 6.51 29.02 5.43
C PRO A 203 5.44 30.06 5.79
N GLU A 204 4.69 30.52 4.79
CA GLU A 204 3.60 31.50 4.99
C GLU A 204 2.53 30.97 5.97
N LEU A 205 2.16 31.79 6.95
CA LEU A 205 1.15 31.43 7.95
C LEU A 205 -0.24 31.87 7.46
N PRO A 206 -1.24 30.95 7.48
CA PRO A 206 -2.60 31.38 7.11
C PRO A 206 -3.08 32.38 8.13
N LYS A 207 -3.74 33.43 7.64
CA LYS A 207 -4.04 34.62 8.47
C LYS A 207 -4.82 34.34 9.76
N HIS A 208 -5.61 33.27 9.77
CA HIS A 208 -6.44 32.93 10.94
C HIS A 208 -5.64 32.27 12.07
N ILE A 209 -4.36 32.00 11.82
CA ILE A 209 -3.40 31.53 12.83
C ILE A 209 -2.63 32.74 13.36
N TYR A 210 -2.18 33.58 12.43
CA TYR A 210 -1.63 34.88 12.76
C TYR A 210 -2.43 35.53 13.88
N ASN A 211 -3.74 35.36 13.84
CA ASN A 211 -4.66 35.99 14.77
C ASN A 211 -4.96 35.16 16.03
N LYS A 212 -4.05 34.22 16.34
CA LYS A 212 -3.99 33.61 17.67
C LYS A 212 -2.78 34.24 18.37
N LEU A 213 -1.83 34.66 17.56
CA LEU A 213 -0.70 35.46 17.98
C LEU A 213 -0.89 36.84 17.39
N ASP A 214 -1.99 37.53 17.76
CA ASP A 214 -2.35 38.78 17.05
C ASP A 214 -1.28 39.90 17.21
N LYS A 215 -0.30 39.64 18.09
CA LYS A 215 0.92 40.44 18.21
C LYS A 215 1.88 40.14 17.06
N GLY A 216 1.80 38.91 16.55
CA GLY A 216 2.73 38.41 15.56
C GLY A 216 3.72 37.44 16.19
N GLN A 217 3.56 37.20 17.50
CA GLN A 217 4.54 36.43 18.27
C GLN A 217 3.99 35.43 19.30
N ILE A 218 4.87 34.58 19.82
CA ILE A 218 4.45 33.45 20.65
C ILE A 218 5.29 33.31 21.93
N ILE A 219 4.66 32.87 23.02
CA ILE A 219 5.37 32.50 24.25
C ILE A 219 5.78 31.02 24.13
N VAL A 220 7.05 30.73 24.41
CA VAL A 220 7.66 29.41 24.13
C VAL A 220 8.69 28.94 25.19
N VAL A 221 8.23 28.30 26.28
CA VAL A 221 9.12 27.80 27.34
C VAL A 221 10.30 26.94 26.84
N ILE A 222 11.50 27.15 27.41
CA ILE A 222 12.73 26.46 26.95
C ILE A 222 13.56 25.77 28.05
N TRP A 223 13.12 24.59 28.48
CA TRP A 223 13.72 23.87 29.62
C TRP A 223 15.18 23.39 29.45
N VAL A 224 15.89 23.22 30.57
CA VAL A 224 17.29 22.76 30.60
C VAL A 224 17.55 21.84 31.79
N ILE A 225 18.24 20.74 31.55
CA ILE A 225 18.49 19.73 32.59
C ILE A 225 19.84 19.98 33.26
N VAL A 226 19.82 20.15 34.58
CA VAL A 226 20.99 20.66 35.33
C VAL A 226 21.67 19.68 36.31
N SER A 227 20.87 18.90 37.05
CA SER A 227 21.43 17.92 37.98
C SER A 227 21.92 16.66 37.25
N PRO A 228 23.05 16.06 37.74
CA PRO A 228 23.45 14.69 37.38
C PRO A 228 22.24 13.73 37.43
N ASN A 229 21.30 13.99 38.35
CA ASN A 229 19.96 13.43 38.23
C ASN A 229 18.88 14.51 38.09
N ASN A 230 18.93 15.11 36.91
CA ASN A 230 17.95 16.07 36.34
C ASN A 230 17.23 17.08 37.22
N ASP A 231 17.48 18.35 36.90
CA ASP A 231 16.87 19.49 37.53
C ASP A 231 16.51 20.49 36.46
N LYS A 232 15.29 21.02 36.52
CA LYS A 232 14.74 21.80 35.42
C LYS A 232 14.81 23.30 35.66
N GLN A 233 15.35 24.04 34.68
CA GLN A 233 15.23 25.49 34.64
C GLN A 233 14.40 25.92 33.43
N LYS A 234 13.58 26.95 33.63
CA LYS A 234 12.58 27.37 32.65
C LYS A 234 13.06 28.36 31.58
N TYR A 235 13.06 29.65 31.89
CA TYR A 235 13.26 30.69 30.87
C TYR A 235 12.10 30.63 29.88
N THR A 236 11.10 31.48 30.11
CA THR A 236 9.84 31.48 29.35
C THR A 236 9.91 32.02 27.91
N LEU A 237 10.55 33.16 27.69
CA LEU A 237 10.80 33.65 26.31
C LEU A 237 9.59 33.97 25.42
N LYS A 238 9.75 34.95 24.55
CA LYS A 238 8.67 35.45 23.70
C LYS A 238 9.29 35.99 22.41
N ILE A 239 8.78 35.51 21.28
CA ILE A 239 9.35 35.86 19.97
C ILE A 239 8.38 35.69 18.79
N ASN A 240 8.58 36.53 17.77
CA ASN A 240 7.85 36.49 16.51
C ASN A 240 7.82 35.11 15.92
N HIS A 241 6.62 34.57 15.76
CA HIS A 241 6.40 33.24 15.23
C HIS A 241 7.44 32.79 14.19
N ASP A 242 7.88 33.71 13.33
CA ASP A 242 8.68 33.36 12.16
C ASP A 242 10.18 33.52 12.36
N CYS A 243 10.71 32.84 13.36
CA CYS A 243 12.06 33.09 13.81
C CYS A 243 12.87 31.81 13.96
N VAL A 244 13.91 31.64 13.15
CA VAL A 244 14.72 30.40 13.14
C VAL A 244 15.27 29.98 14.53
N PRO A 245 15.56 28.67 14.74
CA PRO A 245 15.93 28.17 16.07
C PRO A 245 17.25 28.73 16.56
N GLU A 246 18.16 28.94 15.60
CA GLU A 246 19.40 29.69 15.82
C GLU A 246 19.12 30.90 16.73
N GLN A 247 18.19 31.73 16.28
CA GLN A 247 17.79 32.94 17.00
C GLN A 247 17.03 32.63 18.27
N VAL A 248 16.32 31.52 18.30
CA VAL A 248 15.55 31.17 19.48
C VAL A 248 16.51 30.77 20.61
N ILE A 249 17.63 30.14 20.23
CA ILE A 249 18.70 29.80 21.17
C ILE A 249 19.33 31.09 21.73
N ALA A 250 19.55 32.07 20.84
CA ALA A 250 20.09 33.38 21.23
C ALA A 250 19.28 33.99 22.36
N GLU A 251 18.00 34.30 22.10
CA GLU A 251 17.13 34.94 23.08
C GLU A 251 17.08 34.22 24.42
N ALA A 252 17.53 32.97 24.45
CA ALA A 252 17.59 32.21 25.68
C ALA A 252 18.91 32.46 26.36
N ILE A 253 19.98 32.57 25.57
CA ILE A 253 21.26 33.04 26.07
C ILE A 253 21.06 34.42 26.70
N ARG A 254 20.62 35.40 25.90
CA ARG A 254 20.29 36.73 26.39
C ARG A 254 19.14 36.67 27.38
N LYS A 255 19.28 35.94 28.47
CA LYS A 255 18.19 35.87 29.42
C LYS A 255 18.71 35.27 30.70
N LYS A 256 19.58 34.28 30.58
CA LYS A 256 20.35 33.84 31.73
C LYS A 256 21.54 34.76 31.87
N THR A 257 22.14 35.12 30.74
CA THR A 257 23.37 35.92 30.69
C THR A 257 23.16 37.40 31.12
N ARG A 258 22.03 38.00 30.71
CA ARG A 258 21.65 39.33 31.18
C ARG A 258 22.13 39.58 32.60
N SER A 259 22.80 40.71 32.80
CA SER A 259 23.45 41.06 34.06
C SER A 259 23.75 42.57 34.16
N MET A 260 23.94 43.04 35.40
CA MET A 260 24.21 44.46 35.70
C MET A 260 25.70 44.80 35.60
N LEU A 261 26.49 43.83 35.17
CA LEU A 261 27.93 43.98 34.96
C LEU A 261 28.26 43.67 33.49
N LEU A 262 27.23 43.27 32.73
CA LEU A 262 27.45 42.69 31.40
C LEU A 262 27.29 43.60 30.19
N SER A 263 27.38 44.92 30.38
CA SER A 263 27.21 45.89 29.27
C SER A 263 26.24 45.38 28.21
N SER A 264 26.55 45.56 26.91
CA SER A 264 25.74 44.93 25.87
C SER A 264 26.42 44.54 24.53
N GLU A 265 27.50 45.21 24.11
CA GLU A 265 28.30 44.64 23.01
C GLU A 265 29.12 43.50 23.59
N GLN A 266 29.17 43.48 24.91
CA GLN A 266 29.75 42.39 25.67
C GLN A 266 28.86 41.17 25.65
N LEU A 267 27.53 41.41 25.60
CA LEU A 267 26.52 40.35 25.53
C LEU A 267 26.23 40.00 24.07
N LYS A 268 26.07 41.03 23.23
CA LYS A 268 25.88 40.84 21.78
C LYS A 268 26.96 39.91 21.21
N LEU A 269 28.22 40.17 21.55
CA LEU A 269 29.32 39.24 21.28
C LEU A 269 29.28 38.23 22.40
N CYS A 270 29.49 36.96 22.07
CA CYS A 270 29.37 35.84 23.03
C CYS A 270 27.98 35.18 23.01
N VAL A 271 26.95 35.96 22.64
CA VAL A 271 25.75 35.37 22.07
C VAL A 271 26.27 34.84 20.75
N LEU A 272 26.56 35.73 19.79
CA LEU A 272 27.12 35.28 18.51
C LEU A 272 28.05 34.06 18.70
N GLU A 273 28.87 34.11 19.73
CA GLU A 273 29.91 33.12 19.89
C GLU A 273 29.42 31.79 20.47
N TYR A 274 28.17 31.75 20.94
CA TYR A 274 27.63 30.52 21.54
C TYR A 274 26.29 30.07 20.95
N GLN A 275 25.81 30.85 19.99
CA GLN A 275 24.53 30.63 19.32
C GLN A 275 24.43 29.27 18.64
N GLY A 276 25.54 28.79 18.08
CA GLY A 276 25.56 27.56 17.31
C GLY A 276 26.20 26.39 18.03
N LYS A 277 26.12 26.37 19.34
CA LYS A 277 26.67 25.28 20.13
C LYS A 277 25.57 24.55 20.86
N TYR A 278 24.34 24.87 20.50
CA TYR A 278 23.16 24.27 21.11
C TYR A 278 22.11 23.91 20.04
N ILE A 279 21.11 23.16 20.49
CA ILE A 279 20.14 22.52 19.63
C ILE A 279 18.85 22.44 20.41
N LEU A 280 17.70 22.69 19.76
CA LEU A 280 16.40 22.59 20.43
C LEU A 280 15.74 21.26 20.14
N LYS A 281 14.87 20.78 21.03
CA LYS A 281 14.21 19.49 20.84
C LYS A 281 12.80 19.53 21.42
N VAL A 282 11.79 19.13 20.65
CA VAL A 282 10.44 19.05 21.19
C VAL A 282 10.46 18.20 22.46
N CYS A 283 9.85 18.69 23.54
CA CYS A 283 9.87 17.98 24.80
C CYS A 283 8.90 16.84 24.80
N GLY A 284 9.37 15.66 25.16
CA GLY A 284 8.50 14.49 25.32
C GLY A 284 8.64 13.42 24.24
N CYS A 285 9.14 13.81 23.07
CA CYS A 285 9.38 12.87 21.96
C CYS A 285 10.74 13.14 21.31
N ASP A 286 11.09 12.39 20.28
CA ASP A 286 12.38 12.55 19.60
C ASP A 286 12.25 13.39 18.33
N GLU A 287 12.03 14.68 18.53
CA GLU A 287 11.89 15.62 17.42
C GLU A 287 12.84 16.78 17.61
N TYR A 288 13.70 17.03 16.62
CA TYR A 288 14.71 18.06 16.80
C TYR A 288 14.63 19.15 15.77
N PHE A 289 14.84 20.39 16.21
CA PHE A 289 14.76 21.55 15.33
C PHE A 289 16.09 21.83 14.61
N LEU A 290 16.56 20.89 13.80
CA LEU A 290 17.92 20.96 13.25
C LEU A 290 18.11 21.82 12.00
N GLU A 291 17.16 22.68 11.67
CA GLU A 291 17.29 23.44 10.44
C GLU A 291 16.84 24.87 10.51
N LYS A 292 17.42 25.73 9.66
CA LYS A 292 17.07 27.16 9.61
C LYS A 292 15.65 27.36 9.06
N TYR A 293 14.65 26.93 9.82
CA TYR A 293 13.28 27.04 9.40
C TYR A 293 12.56 28.00 10.34
N PRO A 294 11.64 28.82 9.81
CA PRO A 294 10.70 29.60 10.61
C PRO A 294 10.09 28.77 11.71
N LEU A 295 10.35 29.18 12.95
CA LEU A 295 9.93 28.43 14.15
C LEU A 295 8.51 27.89 14.04
N SER A 296 7.60 28.68 13.48
CA SER A 296 6.22 28.24 13.36
C SER A 296 5.98 27.28 12.20
N GLN A 297 6.99 27.09 11.33
CA GLN A 297 6.88 26.13 10.23
C GLN A 297 6.92 24.67 10.70
N TYR A 298 7.47 24.44 11.89
CA TYR A 298 7.52 23.10 12.42
C TYR A 298 6.15 22.68 12.93
N LYS A 299 5.69 21.52 12.49
CA LYS A 299 4.39 20.98 12.90
C LYS A 299 4.13 21.08 14.40
N TYR A 300 5.15 20.85 15.22
CA TYR A 300 4.91 21.01 16.65
C TYR A 300 4.42 22.41 16.94
N ILE A 301 5.10 23.39 16.38
CA ILE A 301 4.81 24.77 16.76
C ILE A 301 3.42 25.15 16.27
N ARG A 302 3.21 25.02 14.98
CA ARG A 302 1.92 25.31 14.40
C ARG A 302 0.85 24.52 15.14
N SER A 303 1.15 23.27 15.50
CA SER A 303 0.19 22.47 16.22
C SER A 303 -0.06 22.99 17.64
N CYS A 304 0.88 23.78 18.17
CA CYS A 304 0.75 24.29 19.54
C CYS A 304 -0.07 25.56 19.53
N ILE A 305 0.21 26.41 18.54
CA ILE A 305 -0.64 27.56 18.28
C ILE A 305 -2.09 27.09 18.21
N MET A 306 -2.28 25.95 17.56
CA MET A 306 -3.58 25.45 17.22
C MET A 306 -4.41 24.86 18.35
N LEU A 307 -3.74 24.35 19.39
CA LEU A 307 -4.44 23.66 20.47
C LEU A 307 -4.46 24.49 21.78
N GLY A 308 -4.11 25.77 21.68
CA GLY A 308 -3.97 26.64 22.84
C GLY A 308 -2.82 26.18 23.74
N ARG A 309 -1.66 25.99 23.13
CA ARG A 309 -0.55 25.36 23.82
C ARG A 309 0.73 26.17 23.78
N MET A 310 1.44 26.11 24.90
CA MET A 310 2.73 26.74 25.03
C MET A 310 3.74 25.74 24.52
N PRO A 311 4.45 26.08 23.44
CA PRO A 311 5.60 25.29 23.06
C PRO A 311 6.55 25.12 24.22
N ASN A 312 7.01 23.88 24.44
CA ASN A 312 8.02 23.57 25.41
C ASN A 312 9.17 22.89 24.69
N LEU A 313 10.27 23.62 24.53
CA LEU A 313 11.41 23.09 23.84
C LEU A 313 12.48 22.71 24.85
N MET A 314 13.45 21.92 24.42
CA MET A 314 14.53 21.58 25.30
C MET A 314 15.84 21.99 24.64
N LEU A 315 16.51 22.92 25.29
CA LEU A 315 17.84 23.34 24.92
C LEU A 315 18.79 22.22 25.33
N MET A 316 19.87 22.06 24.57
CA MET A 316 20.68 20.87 24.72
C MET A 316 21.87 20.95 23.79
N ALA A 317 23.04 20.63 24.31
CA ALA A 317 24.28 20.89 23.56
C ALA A 317 24.45 19.98 22.35
N LYS A 318 24.68 20.57 21.17
CA LYS A 318 24.88 19.80 19.95
C LYS A 318 25.74 18.58 20.16
N GLU A 319 26.76 18.71 20.98
CA GLU A 319 27.77 17.66 21.11
C GLU A 319 27.32 16.47 21.93
N SER A 320 26.29 16.65 22.73
CA SER A 320 25.67 15.55 23.46
C SER A 320 24.64 14.78 22.61
N LEU A 321 24.25 15.33 21.47
CA LEU A 321 23.40 14.61 20.52
C LEU A 321 24.28 13.81 19.58
N TYR A 322 25.33 14.44 19.08
CA TYR A 322 26.24 13.81 18.12
C TYR A 322 27.00 12.62 18.70
N SER A 323 27.06 12.52 20.02
CA SER A 323 27.77 11.42 20.66
C SER A 323 27.02 10.10 20.54
N GLN A 324 25.71 10.16 20.39
CA GLN A 324 24.89 8.96 20.14
C GLN A 324 24.35 8.85 18.71
N LEU A 325 25.23 8.52 17.77
CA LEU A 325 24.90 8.40 16.35
C LEU A 325 25.96 7.48 15.68
N PRO A 326 25.79 6.14 15.79
CA PRO A 326 26.85 5.18 15.47
C PRO A 326 26.70 4.36 14.17
N MET A 327 26.09 4.93 13.13
CA MET A 327 25.73 4.18 11.90
C MET A 327 26.85 3.91 10.88
N ASP A 328 28.08 4.36 11.18
CA ASP A 328 29.19 4.48 10.22
C ASP A 328 29.27 3.41 9.13
N CYS A 329 28.97 2.16 9.50
CA CYS A 329 29.29 1.04 8.63
C CYS A 329 28.31 0.77 7.50
N PHE A 330 28.83 0.79 6.28
CA PHE A 330 28.17 0.17 5.15
C PHE A 330 29.15 -0.73 4.43
N THR A 331 28.72 -1.97 4.24
CA THR A 331 29.52 -2.99 3.57
C THR A 331 28.80 -3.44 2.31
N MET A 332 29.51 -3.43 1.18
CA MET A 332 29.01 -4.10 -0.01
C MET A 332 28.94 -5.58 0.31
N PRO A 333 27.85 -6.24 -0.12
CA PRO A 333 27.68 -7.62 0.26
C PRO A 333 28.39 -8.60 -0.68
N SER A 334 28.30 -9.90 -0.36
CA SER A 334 28.97 -10.99 -1.10
C SER A 334 28.58 -11.06 -2.57
N TYR A 335 27.46 -10.43 -2.91
CA TYR A 335 26.93 -10.47 -4.25
C TYR A 335 27.20 -9.20 -5.06
N SER A 336 28.46 -8.77 -5.13
CA SER A 336 28.85 -7.65 -6.00
C SER A 336 29.50 -8.11 -7.33
N ARG A 337 30.39 -9.11 -7.26
CA ARG A 337 31.08 -9.68 -8.44
C ARG A 337 30.16 -9.95 -9.64
N GLU A 349 28.16 -9.89 -25.78
CA GLU A 349 27.41 -9.21 -26.86
C GLU A 349 27.25 -10.09 -28.12
N THR A 350 26.00 -10.43 -28.45
CA THR A 350 25.71 -11.34 -29.57
C THR A 350 25.34 -10.57 -30.86
N SER A 351 24.24 -10.97 -31.52
CA SER A 351 23.87 -10.45 -32.85
C SER A 351 22.42 -9.99 -32.92
N THR A 352 22.19 -8.71 -33.18
CA THR A 352 20.84 -8.14 -33.06
C THR A 352 20.28 -7.47 -34.31
N LYS A 353 18.96 -7.57 -34.45
CA LYS A 353 18.20 -6.79 -35.43
C LYS A 353 17.34 -5.76 -34.69
N SER A 354 17.50 -4.49 -35.06
CA SER A 354 16.64 -3.40 -34.56
C SER A 354 15.19 -3.75 -34.84
N LEU A 355 14.35 -3.62 -33.84
CA LEU A 355 13.01 -4.17 -33.89
C LEU A 355 12.29 -4.00 -35.21
N TRP A 356 12.35 -2.80 -35.78
CA TRP A 356 11.41 -2.55 -36.86
C TRP A 356 11.87 -2.93 -38.30
N VAL A 357 13.11 -3.41 -38.39
CA VAL A 357 13.59 -4.21 -39.50
C VAL A 357 12.63 -5.37 -39.71
N ILE A 358 12.16 -5.96 -38.62
CA ILE A 358 11.28 -7.12 -38.71
C ILE A 358 10.04 -6.83 -39.56
N ASN A 359 9.95 -7.56 -40.66
CA ASN A 359 8.79 -7.50 -41.49
C ASN A 359 7.60 -8.30 -40.91
N SER A 360 6.39 -7.95 -41.35
CA SER A 360 5.15 -8.73 -41.09
C SER A 360 4.76 -8.94 -39.63
N ALA A 361 3.48 -9.25 -39.43
CA ALA A 361 2.82 -9.21 -38.12
C ALA A 361 3.36 -10.14 -37.04
N LEU A 362 3.06 -9.76 -35.82
CA LEU A 362 3.29 -10.59 -34.66
C LEU A 362 2.28 -11.70 -34.72
N ARG A 363 2.69 -12.88 -34.29
CA ARG A 363 1.79 -14.00 -34.19
C ARG A 363 2.34 -14.91 -33.11
N ILE A 364 1.56 -15.08 -32.05
CA ILE A 364 1.97 -15.91 -30.93
C ILE A 364 1.34 -17.29 -31.03
N LYS A 365 2.15 -18.32 -30.82
CA LYS A 365 1.67 -19.70 -30.81
C LYS A 365 1.16 -20.13 -29.42
N ILE A 366 -0.08 -20.58 -29.37
CA ILE A 366 -0.63 -21.19 -28.17
C ILE A 366 -0.47 -22.70 -28.29
N LEU A 367 0.13 -23.33 -27.29
CA LEU A 367 0.33 -24.78 -27.32
C LEU A 367 -0.69 -25.50 -26.45
N CYS A 368 -0.45 -25.57 -25.15
CA CYS A 368 -1.24 -26.42 -24.27
C CYS A 368 -1.12 -26.07 -22.80
N ALA A 369 -2.27 -25.98 -22.13
CA ALA A 369 -2.31 -25.98 -20.67
C ALA A 369 -2.20 -27.43 -20.19
N THR A 370 -1.58 -27.64 -19.03
CA THR A 370 -1.40 -29.01 -18.49
C THR A 370 -2.65 -29.52 -17.79
N TYR A 371 -3.29 -28.66 -17.02
CA TYR A 371 -4.59 -29.00 -16.45
C TYR A 371 -5.55 -27.82 -16.35
N VAL A 372 -6.70 -28.07 -15.72
CA VAL A 372 -7.73 -27.05 -15.53
C VAL A 372 -8.81 -27.61 -14.60
N ASN A 373 -9.26 -26.77 -13.66
CA ASN A 373 -10.26 -27.17 -12.66
C ASN A 373 -11.70 -26.92 -13.10
N VAL A 374 -12.11 -27.71 -14.09
CA VAL A 374 -13.50 -27.79 -14.54
C VAL A 374 -14.02 -29.17 -14.21
N ASN A 375 -15.30 -29.25 -13.85
CA ASN A 375 -15.91 -30.52 -13.45
C ASN A 375 -16.16 -31.52 -14.59
N ILE A 376 -16.02 -31.05 -15.83
CA ILE A 376 -16.14 -31.91 -17.06
C ILE A 376 -17.59 -32.35 -17.39
N ARG A 377 -18.45 -32.44 -16.38
CA ARG A 377 -19.89 -32.68 -16.56
C ARG A 377 -20.62 -31.36 -16.87
N ASP A 378 -19.94 -30.50 -17.62
CA ASP A 378 -20.36 -29.12 -17.88
C ASP A 378 -19.40 -28.46 -18.89
N ILE A 379 -19.49 -28.90 -20.14
CA ILE A 379 -18.45 -28.59 -21.14
C ILE A 379 -18.71 -27.34 -22.03
N ASP A 380 -18.94 -26.19 -21.39
CA ASP A 380 -18.90 -24.87 -22.08
C ASP A 380 -17.48 -24.64 -22.61
N LYS A 381 -16.90 -25.76 -23.06
CA LYS A 381 -15.46 -26.04 -23.26
C LYS A 381 -14.45 -24.93 -22.96
N ILE A 382 -13.29 -25.03 -23.58
CA ILE A 382 -12.11 -24.32 -23.10
C ILE A 382 -11.27 -23.82 -24.26
N TYR A 383 -10.92 -22.54 -24.19
CA TYR A 383 -10.07 -21.92 -25.19
C TYR A 383 -9.18 -20.88 -24.50
N VAL A 384 -8.15 -20.41 -25.18
CA VAL A 384 -7.31 -19.35 -24.62
C VAL A 384 -7.64 -18.00 -25.25
N ARG A 385 -8.15 -17.07 -24.45
CA ARG A 385 -8.32 -15.70 -24.90
C ARG A 385 -6.98 -14.96 -24.75
N THR A 386 -6.63 -14.17 -25.75
CA THR A 386 -5.38 -13.44 -25.74
C THR A 386 -5.58 -12.02 -26.23
N GLY A 387 -4.59 -11.17 -25.94
CA GLY A 387 -4.60 -9.78 -26.34
C GLY A 387 -3.26 -9.14 -26.09
N ILE A 388 -2.82 -8.33 -27.05
CA ILE A 388 -1.65 -7.46 -26.86
C ILE A 388 -2.14 -6.16 -26.20
N TYR A 389 -1.40 -5.59 -25.26
CA TYR A 389 -1.96 -4.50 -24.47
C TYR A 389 -0.96 -3.39 -24.11
N HIS A 390 -1.50 -2.21 -23.76
CA HIS A 390 -0.71 -1.08 -23.28
C HIS A 390 -1.53 -0.37 -22.16
N GLY A 391 -2.00 -1.14 -21.16
CA GLY A 391 -3.14 -0.74 -20.30
C GLY A 391 -4.48 -1.09 -20.95
N GLY A 392 -4.97 -0.20 -21.82
CA GLY A 392 -5.98 -0.56 -22.84
C GLY A 392 -5.27 -0.94 -24.14
N GLU A 393 -5.72 -2.04 -24.77
CA GLU A 393 -5.10 -2.70 -25.95
C GLU A 393 -4.81 -1.87 -27.21
N PRO A 394 -3.70 -2.21 -27.95
CA PRO A 394 -3.40 -1.56 -29.21
C PRO A 394 -3.73 -2.43 -30.44
N LEU A 395 -4.71 -3.33 -30.32
CA LEU A 395 -5.21 -4.09 -31.48
C LEU A 395 -6.51 -4.83 -31.14
N CYS A 396 -7.34 -5.08 -32.16
CA CYS A 396 -8.43 -6.06 -32.04
C CYS A 396 -7.86 -7.32 -31.38
N ASP A 397 -8.49 -7.82 -30.32
CA ASP A 397 -7.94 -8.99 -29.64
C ASP A 397 -8.75 -10.26 -29.88
N ASN A 398 -8.07 -11.40 -29.89
CA ASN A 398 -8.60 -12.64 -30.47
C ASN A 398 -8.43 -13.94 -29.70
N VAL A 399 -9.53 -14.67 -29.58
CA VAL A 399 -9.55 -15.99 -28.94
C VAL A 399 -9.05 -17.02 -29.94
N ASN A 400 -8.51 -18.13 -29.46
CA ASN A 400 -8.27 -19.26 -30.36
C ASN A 400 -9.49 -20.20 -30.35
N THR A 401 -9.59 -21.10 -31.33
CA THR A 401 -10.77 -21.98 -31.40
C THR A 401 -11.06 -22.66 -30.05
N GLN A 402 -12.36 -22.82 -29.76
CA GLN A 402 -12.85 -23.50 -28.55
C GLN A 402 -12.46 -24.98 -28.63
N ARG A 403 -12.19 -25.41 -29.86
CA ARG A 403 -11.99 -26.82 -30.27
C ARG A 403 -11.66 -27.87 -29.20
N VAL A 404 -10.81 -27.54 -28.24
CA VAL A 404 -10.42 -28.54 -27.24
C VAL A 404 -11.49 -28.71 -26.15
N PRO A 405 -11.88 -29.98 -25.89
CA PRO A 405 -12.75 -30.28 -24.76
C PRO A 405 -11.97 -30.75 -23.51
N CYS A 406 -11.29 -29.82 -22.84
CA CYS A 406 -10.33 -30.10 -21.73
C CYS A 406 -9.57 -31.42 -21.84
N SER A 407 -9.65 -32.24 -20.79
CA SER A 407 -8.97 -33.56 -20.73
C SER A 407 -7.45 -33.48 -20.98
N ASN A 408 -7.07 -33.12 -22.20
CA ASN A 408 -5.70 -32.67 -22.47
C ASN A 408 -5.74 -31.33 -23.20
N PRO A 409 -6.07 -30.25 -22.47
CA PRO A 409 -6.23 -28.94 -23.10
C PRO A 409 -5.03 -28.61 -23.98
N ARG A 410 -5.23 -28.72 -25.28
CA ARG A 410 -4.18 -28.47 -26.28
C ARG A 410 -4.79 -27.80 -27.51
N TRP A 411 -4.01 -26.93 -28.15
CA TRP A 411 -4.48 -26.13 -29.27
C TRP A 411 -3.51 -26.14 -30.46
N ASN A 412 -2.23 -26.25 -30.14
CA ASN A 412 -1.11 -26.09 -31.09
C ASN A 412 -1.11 -24.92 -32.11
N GLU A 413 -2.09 -24.02 -32.03
CA GLU A 413 -2.21 -22.98 -33.04
C GLU A 413 -1.49 -21.65 -32.79
N TRP A 414 -0.99 -21.08 -33.89
CA TRP A 414 -0.50 -19.71 -33.94
C TRP A 414 -1.69 -18.76 -33.99
N LEU A 415 -1.58 -17.66 -33.26
CA LEU A 415 -2.63 -16.66 -33.28
C LEU A 415 -2.14 -15.42 -34.01
N ASN A 416 -2.92 -14.95 -34.99
CA ASN A 416 -2.51 -13.80 -35.81
C ASN A 416 -3.12 -12.48 -35.32
N TYR A 417 -2.25 -11.58 -34.87
CA TYR A 417 -2.70 -10.28 -34.38
C TYR A 417 -2.37 -9.28 -35.44
N ASP A 418 -3.32 -8.41 -35.77
CA ASP A 418 -3.05 -7.37 -36.76
C ASP A 418 -2.33 -6.17 -36.13
N ILE A 419 -1.00 -6.26 -36.19
CA ILE A 419 -0.09 -5.22 -35.78
C ILE A 419 1.26 -5.58 -36.40
N TYR A 420 1.91 -4.63 -37.07
CA TYR A 420 3.28 -4.81 -37.50
C TYR A 420 4.12 -4.95 -36.24
N ILE A 421 5.09 -5.85 -36.26
CA ILE A 421 6.05 -5.91 -35.15
C ILE A 421 6.80 -4.58 -34.94
N PRO A 422 7.10 -3.84 -36.03
CA PRO A 422 7.61 -2.47 -35.93
C PRO A 422 6.75 -1.54 -35.08
N ASP A 423 5.46 -1.81 -35.01
CA ASP A 423 4.53 -0.93 -34.29
C ASP A 423 4.27 -1.34 -32.84
N LEU A 424 5.09 -2.25 -32.30
CA LEU A 424 4.99 -2.62 -30.91
C LEU A 424 5.57 -1.51 -30.10
N PRO A 425 4.76 -0.89 -29.24
CA PRO A 425 5.32 0.02 -28.24
C PRO A 425 6.25 -0.69 -27.26
N ARG A 426 7.27 0.04 -26.77
CA ARG A 426 8.12 -0.44 -25.67
C ARG A 426 7.40 -1.18 -24.50
N ALA A 427 6.36 -0.57 -23.93
CA ALA A 427 5.66 -1.22 -22.83
C ALA A 427 4.70 -2.33 -23.24
N ALA A 428 4.49 -2.53 -24.53
CA ALA A 428 3.56 -3.56 -25.02
C ALA A 428 3.77 -4.92 -24.36
N ARG A 429 2.67 -5.49 -23.88
CA ARG A 429 2.69 -6.85 -23.34
C ARG A 429 1.48 -7.69 -23.77
N LEU A 430 1.56 -8.99 -23.53
CA LEU A 430 0.52 -9.90 -23.93
C LEU A 430 -0.26 -10.35 -22.70
N CYS A 431 -1.57 -10.42 -22.86
CA CYS A 431 -2.43 -10.88 -21.78
C CYS A 431 -3.24 -12.08 -22.25
N LEU A 432 -3.40 -13.07 -21.38
CA LEU A 432 -4.12 -14.28 -21.73
C LEU A 432 -4.86 -14.84 -20.52
N SER A 433 -5.89 -15.64 -20.82
CA SER A 433 -6.69 -16.36 -19.82
C SER A 433 -7.26 -17.64 -20.42
N ILE A 434 -7.88 -18.48 -19.61
CA ILE A 434 -8.35 -19.77 -20.11
C ILE A 434 -9.88 -19.83 -20.14
N CYS A 435 -10.50 -19.40 -19.05
CA CYS A 435 -11.87 -18.82 -19.03
C CYS A 435 -13.13 -19.55 -19.62
N SER A 436 -14.28 -19.12 -19.11
CA SER A 436 -15.61 -19.45 -19.69
C SER A 436 -16.74 -18.40 -19.41
N VAL A 437 -17.70 -18.33 -20.34
CA VAL A 437 -18.88 -17.44 -20.26
C VAL A 437 -20.20 -18.18 -20.57
N LYS A 438 -21.14 -17.51 -21.24
CA LYS A 438 -22.50 -18.05 -21.42
C LYS A 438 -23.22 -17.77 -22.76
N GLY A 439 -24.45 -17.26 -22.66
CA GLY A 439 -25.35 -17.06 -23.80
C GLY A 439 -26.25 -18.26 -24.05
N ARG A 440 -25.87 -19.41 -23.48
CA ARG A 440 -26.41 -20.73 -23.83
C ARG A 440 -27.86 -21.05 -23.42
N LYS A 441 -28.47 -20.20 -22.59
CA LYS A 441 -29.90 -20.31 -22.32
C LYS A 441 -30.70 -19.94 -23.57
N GLY A 442 -31.81 -20.62 -23.79
CA GLY A 442 -32.59 -20.44 -25.01
C GLY A 442 -31.86 -21.04 -26.19
N ALA A 443 -31.51 -20.21 -27.17
CA ALA A 443 -30.78 -20.66 -28.36
C ALA A 443 -29.55 -19.80 -28.67
N LYS A 444 -29.34 -18.75 -27.87
CA LYS A 444 -28.28 -17.76 -28.13
C LYS A 444 -26.84 -18.26 -27.87
N GLU A 445 -25.85 -17.47 -28.33
CA GLU A 445 -24.44 -17.88 -28.39
C GLU A 445 -23.92 -18.42 -27.05
N PRO A 449 -12.28 -15.87 -16.17
CA PRO A 449 -12.59 -17.20 -15.67
C PRO A 449 -11.40 -18.15 -15.77
N LEU A 450 -11.57 -19.37 -15.26
CA LEU A 450 -10.49 -20.37 -15.12
C LEU A 450 -9.18 -19.81 -14.53
N ALA A 451 -8.31 -19.26 -15.38
CA ALA A 451 -7.02 -18.70 -14.94
C ALA A 451 -6.34 -17.81 -15.97
N TRP A 452 -5.89 -16.65 -15.54
CA TRP A 452 -5.22 -15.64 -16.38
C TRP A 452 -3.68 -15.58 -16.17
N GLY A 453 -2.95 -15.05 -17.17
CA GLY A 453 -1.50 -14.78 -17.05
C GLY A 453 -1.03 -13.69 -18.01
N ASN A 454 -0.06 -12.86 -17.60
CA ASN A 454 0.44 -11.74 -18.44
C ASN A 454 1.95 -11.73 -18.68
N ILE A 455 2.37 -11.34 -19.89
CA ILE A 455 3.77 -11.38 -20.28
C ILE A 455 4.25 -10.13 -21.03
N ASN A 456 5.37 -9.56 -20.56
CA ASN A 456 6.08 -8.49 -21.25
C ASN A 456 6.65 -8.96 -22.57
N LEU A 457 6.15 -8.42 -23.68
CA LEU A 457 6.73 -8.75 -24.95
C LEU A 457 8.24 -8.41 -25.00
N PHE A 458 8.69 -7.58 -24.05
CA PHE A 458 10.10 -7.17 -23.99
C PHE A 458 10.78 -7.47 -22.67
N ASP A 459 11.96 -8.07 -22.77
CA ASP A 459 12.94 -8.16 -21.68
C ASP A 459 13.15 -6.86 -20.97
N TYR A 460 13.73 -6.93 -19.78
CA TYR A 460 14.28 -5.74 -19.16
C TYR A 460 15.51 -5.21 -19.88
N THR A 461 16.00 -5.95 -20.86
CA THR A 461 17.22 -5.59 -21.53
C THR A 461 16.88 -5.04 -22.91
N ASP A 462 15.57 -4.95 -23.15
CA ASP A 462 14.99 -4.37 -24.35
C ASP A 462 14.88 -5.37 -25.49
N THR A 463 15.09 -6.64 -25.17
CA THR A 463 14.89 -7.71 -26.13
C THR A 463 13.39 -7.93 -26.33
N LEU A 464 13.00 -8.27 -27.56
CA LEU A 464 11.63 -8.75 -27.80
C LEU A 464 11.67 -10.26 -27.74
N VAL A 465 10.93 -10.83 -26.79
CA VAL A 465 10.97 -12.28 -26.48
C VAL A 465 10.61 -13.20 -27.64
N SER A 466 11.18 -14.42 -27.59
CA SER A 466 10.96 -15.45 -28.61
C SER A 466 11.16 -16.86 -28.06
N GLY A 467 10.35 -17.81 -28.54
CA GLY A 467 10.63 -19.23 -28.27
C GLY A 467 9.72 -19.95 -27.31
N LYS A 468 10.31 -20.76 -26.44
CA LYS A 468 9.57 -21.54 -25.48
C LYS A 468 9.26 -20.65 -24.29
N MET A 469 8.00 -20.64 -23.87
CA MET A 469 7.63 -19.96 -22.64
C MET A 469 6.55 -20.76 -21.95
N ALA A 470 6.84 -21.19 -20.73
CA ALA A 470 5.87 -21.85 -19.90
C ALA A 470 5.43 -20.87 -18.83
N LEU A 471 4.14 -20.67 -18.72
CA LEU A 471 3.64 -19.67 -17.84
C LEU A 471 2.70 -20.35 -16.87
N ASN A 472 3.02 -20.31 -15.58
CA ASN A 472 2.07 -20.70 -14.56
C ASN A 472 1.11 -19.54 -14.36
N LEU A 473 -0.18 -19.84 -14.30
CA LEU A 473 -1.19 -18.79 -14.26
C LEU A 473 -1.68 -18.59 -12.86
N TRP A 474 -2.28 -17.43 -12.62
CA TRP A 474 -2.80 -17.07 -11.32
C TRP A 474 -4.27 -17.42 -11.23
N PRO A 475 -4.78 -17.63 -10.01
CA PRO A 475 -6.24 -17.67 -9.80
C PRO A 475 -6.96 -16.35 -10.12
N VAL A 476 -8.21 -16.44 -10.58
CA VAL A 476 -9.03 -15.26 -10.87
C VAL A 476 -9.45 -14.61 -9.55
N PRO A 477 -9.28 -13.28 -9.45
CA PRO A 477 -9.55 -12.62 -8.17
C PRO A 477 -11.05 -12.44 -8.04
N HIS A 478 -11.52 -12.36 -6.79
CA HIS A 478 -12.95 -12.29 -6.50
C HIS A 478 -13.62 -11.11 -7.19
N GLY A 479 -14.82 -11.35 -7.71
CA GLY A 479 -15.63 -10.29 -8.31
C GLY A 479 -15.34 -10.09 -9.78
N LEU A 480 -14.09 -9.76 -10.09
CA LEU A 480 -13.67 -9.50 -11.46
C LEU A 480 -13.95 -10.70 -12.38
N GLU A 481 -15.11 -10.65 -13.04
CA GLU A 481 -15.41 -11.56 -14.14
C GLU A 481 -15.32 -10.79 -15.46
N ASP A 482 -14.16 -10.19 -15.68
CA ASP A 482 -13.93 -9.35 -16.86
C ASP A 482 -13.17 -10.07 -17.96
N LEU A 483 -12.88 -11.35 -17.76
CA LEU A 483 -12.40 -12.25 -18.83
C LEU A 483 -10.92 -12.18 -19.22
N LEU A 484 -10.24 -11.09 -18.88
CA LEU A 484 -8.87 -10.92 -19.37
C LEU A 484 -7.92 -10.23 -18.41
N ASN A 485 -8.45 -9.42 -17.49
CA ASN A 485 -7.62 -8.87 -16.41
C ASN A 485 -6.21 -8.48 -16.84
N PRO A 486 -6.07 -7.34 -17.54
CA PRO A 486 -4.73 -6.85 -17.86
C PRO A 486 -4.14 -5.96 -16.77
N ILE A 487 -4.82 -5.78 -15.63
CA ILE A 487 -4.27 -4.98 -14.50
C ILE A 487 -3.45 -5.87 -13.56
N GLY A 488 -3.72 -7.17 -13.57
CA GLY A 488 -2.94 -8.13 -12.80
C GLY A 488 -1.50 -8.12 -13.28
N VAL A 489 -0.57 -8.45 -12.40
CA VAL A 489 0.86 -8.26 -12.69
C VAL A 489 1.33 -9.03 -13.92
N THR A 490 2.49 -8.66 -14.42
CA THR A 490 3.14 -9.52 -15.42
C THR A 490 4.13 -10.41 -14.68
N GLY A 491 4.07 -11.71 -14.96
CA GLY A 491 4.98 -12.69 -14.39
C GLY A 491 4.30 -14.04 -14.33
N SER A 492 5.11 -15.10 -14.41
CA SER A 492 4.64 -16.47 -14.15
C SER A 492 4.36 -16.69 -12.66
N ASN A 493 3.47 -17.60 -12.35
CA ASN A 493 3.06 -17.81 -10.97
C ASN A 493 4.12 -18.58 -10.18
N PRO A 494 4.59 -17.99 -9.07
CA PRO A 494 5.69 -18.52 -8.26
C PRO A 494 5.38 -19.91 -7.76
N ASN A 495 4.10 -20.23 -7.71
CA ASN A 495 3.64 -21.55 -7.31
C ASN A 495 3.36 -22.43 -8.51
N LYS A 496 4.17 -23.47 -8.66
CA LYS A 496 4.16 -24.33 -9.86
C LYS A 496 3.20 -25.54 -9.72
N GLU A 497 2.35 -25.51 -8.70
CA GLU A 497 1.28 -26.48 -8.54
C GLU A 497 -0.01 -25.84 -9.05
N THR A 498 0.05 -25.36 -10.28
CA THR A 498 -0.98 -24.52 -10.87
C THR A 498 -1.05 -24.79 -12.37
N PRO A 499 -2.23 -24.59 -12.99
CA PRO A 499 -2.33 -24.76 -14.43
C PRO A 499 -1.27 -23.91 -15.15
N CYS A 500 -0.62 -24.53 -16.11
CA CYS A 500 0.53 -23.91 -16.74
C CYS A 500 0.43 -23.96 -18.26
N LEU A 501 0.41 -22.77 -18.87
CA LEU A 501 0.22 -22.62 -20.31
C LEU A 501 1.55 -22.42 -21.05
N GLU A 502 1.90 -23.40 -21.89
CA GLU A 502 3.18 -23.41 -22.61
C GLU A 502 3.05 -22.69 -23.94
N LEU A 503 4.06 -21.88 -24.26
CA LEU A 503 3.95 -20.86 -25.31
C LEU A 503 5.12 -20.82 -26.28
N GLU A 504 4.87 -20.26 -27.46
CA GLU A 504 5.91 -20.01 -28.47
C GLU A 504 5.73 -18.69 -29.21
N PHE A 505 6.75 -17.85 -29.13
CA PHE A 505 6.83 -16.62 -29.89
C PHE A 505 7.73 -16.83 -31.09
N ASP A 506 7.46 -16.13 -32.19
CA ASP A 506 8.33 -16.17 -33.38
C ASP A 506 9.83 -15.98 -33.02
N TRP A 507 10.70 -16.57 -33.83
CA TRP A 507 12.15 -16.38 -33.69
C TRP A 507 12.72 -15.96 -35.02
N PHE A 508 13.27 -14.75 -35.08
CA PHE A 508 13.80 -14.22 -36.33
C PHE A 508 15.29 -14.56 -36.46
N SER A 509 15.87 -14.28 -37.62
CA SER A 509 17.26 -14.68 -37.88
C SER A 509 18.04 -14.60 -36.57
N SER A 510 17.86 -13.48 -35.86
CA SER A 510 18.62 -13.18 -34.64
C SER A 510 17.80 -12.68 -33.41
N VAL A 511 18.54 -12.26 -32.39
CA VAL A 511 18.02 -11.55 -31.21
C VAL A 511 17.46 -10.21 -31.67
N VAL A 512 16.21 -9.89 -31.28
CA VAL A 512 15.54 -8.66 -31.71
C VAL A 512 15.40 -7.68 -30.55
N LYS A 513 15.96 -6.49 -30.75
CA LYS A 513 16.05 -5.46 -29.72
C LYS A 513 15.19 -4.23 -30.04
N PHE A 514 14.75 -3.49 -29.03
CA PHE A 514 14.07 -2.20 -29.26
C PHE A 514 15.15 -1.19 -29.63
N PRO A 515 14.88 -0.33 -30.62
CA PRO A 515 15.91 0.53 -31.16
C PRO A 515 16.39 1.55 -30.15
N ASP A 516 17.63 2.01 -30.33
CA ASP A 516 18.23 2.97 -29.41
C ASP A 516 17.50 4.31 -29.47
N MET A 517 17.70 5.14 -28.45
CA MET A 517 16.96 6.41 -28.38
C MET A 517 17.43 7.34 -29.46
N SER A 518 18.67 7.13 -29.89
CA SER A 518 19.25 7.83 -31.02
C SER A 518 18.36 7.65 -32.25
N VAL A 519 18.12 6.40 -32.60
CA VAL A 519 17.34 6.02 -33.79
C VAL A 519 15.93 6.59 -33.78
N ILE A 520 15.24 6.49 -32.65
CA ILE A 520 13.83 6.93 -32.56
C ILE A 520 13.69 8.42 -32.84
N GLU A 521 14.56 9.23 -32.24
CA GLU A 521 14.56 10.69 -32.41
C GLU A 521 14.82 11.10 -33.86
N GLU A 522 15.57 10.27 -34.60
CA GLU A 522 15.74 10.41 -36.05
C GLU A 522 14.39 10.31 -36.74
N HIS A 523 13.72 9.16 -36.59
CA HIS A 523 12.41 8.92 -37.18
C HIS A 523 11.37 9.99 -36.84
N ALA A 524 11.40 10.48 -35.60
CA ALA A 524 10.54 11.57 -35.19
C ALA A 524 10.79 12.76 -36.11
N ASN A 525 12.02 13.25 -36.10
CA ASN A 525 12.41 14.37 -36.94
C ASN A 525 11.94 14.21 -38.37
N TRP A 526 12.25 13.05 -38.95
CA TRP A 526 12.02 12.85 -40.36
C TRP A 526 10.53 12.88 -40.71
N SER A 527 9.72 12.06 -40.04
CA SER A 527 8.29 11.96 -40.41
C SER A 527 7.42 13.12 -39.89
N VAL A 528 8.08 14.23 -39.53
CA VAL A 528 7.42 15.54 -39.40
C VAL A 528 7.89 16.49 -40.53
N SER A 529 9.16 16.37 -40.95
CA SER A 529 9.63 16.99 -42.20
C SER A 529 8.88 16.43 -43.40
N ARG A 530 8.26 15.29 -43.19
CA ARG A 530 7.33 14.69 -44.14
C ARG A 530 5.99 15.37 -44.05
N GLU A 531 5.66 15.85 -42.86
CA GLU A 531 4.32 16.42 -42.57
C GLU A 531 3.99 17.65 -43.44
N ALA A 532 4.98 18.52 -43.63
CA ALA A 532 4.84 19.67 -44.53
C ALA A 532 4.65 19.28 -46.01
N GLY A 533 3.90 18.19 -46.22
CA GLY A 533 3.41 17.80 -47.54
C GLY A 533 1.90 17.87 -47.44
N PHE A 534 1.45 18.97 -46.84
CA PHE A 534 0.03 19.19 -46.56
C PHE A 534 -0.77 19.13 -47.84
N SER A 535 -1.95 18.51 -47.75
CA SER A 535 -2.86 18.40 -48.87
C SER A 535 -4.24 17.99 -48.40
N TYR A 536 -4.86 18.80 -47.53
CA TYR A 536 -6.25 18.61 -47.06
C TYR A 536 -6.61 17.17 -46.64
N SER A 537 -6.58 16.27 -47.64
CA SER A 537 -6.96 14.84 -47.58
C SER A 537 -8.36 14.50 -47.04
N HIS A 538 -8.57 13.22 -46.74
CA HIS A 538 -9.85 12.64 -46.33
C HIS A 538 -9.85 12.23 -44.83
N ALA A 539 -8.85 12.73 -44.09
CA ALA A 539 -8.65 12.43 -42.65
C ALA A 539 -8.60 13.70 -41.77
N GLY A 540 -8.45 13.51 -40.45
CA GLY A 540 -8.49 14.62 -39.48
C GLY A 540 -7.50 14.63 -38.34
N LEU A 541 -6.82 13.50 -38.10
CA LEU A 541 -5.88 13.35 -36.96
C LEU A 541 -4.66 14.24 -37.19
N SER A 542 -3.96 14.00 -38.29
CA SER A 542 -2.86 14.87 -38.70
C SER A 542 -3.42 16.12 -39.35
N ASN A 543 -2.90 17.28 -38.92
CA ASN A 543 -3.29 18.57 -39.52
C ASN A 543 -2.19 19.64 -39.40
N ARG A 544 -1.38 19.56 -38.35
CA ARG A 544 -0.16 20.36 -38.25
C ARG A 544 1.02 19.48 -37.81
N ARG A 552 -0.49 27.78 -35.76
CA ARG A 552 -1.37 28.94 -35.84
C ARG A 552 -2.52 28.87 -34.81
N GLU A 553 -3.62 28.23 -35.19
CA GLU A 553 -4.88 28.18 -34.43
C GLU A 553 -5.36 29.52 -33.87
N ASN A 554 -6.55 29.91 -34.32
CA ASN A 554 -7.23 31.12 -33.89
C ASN A 554 -7.52 31.16 -32.38
N ASP A 555 -8.17 32.24 -31.95
CA ASP A 555 -8.61 32.38 -30.56
C ASP A 555 -9.42 31.16 -30.08
N LYS A 556 -10.03 30.43 -31.01
CA LYS A 556 -10.86 29.27 -30.66
C LYS A 556 -10.05 27.98 -30.53
N GLU A 557 -8.88 28.12 -29.91
CA GLU A 557 -8.12 27.00 -29.39
C GLU A 557 -8.45 26.86 -27.91
N GLN A 558 -9.34 27.75 -27.41
CA GLN A 558 -9.72 27.87 -26.00
C GLN A 558 -9.98 26.54 -25.32
N LEU A 559 -9.63 25.46 -26.01
CA LEU A 559 -9.59 24.10 -25.46
C LEU A 559 -8.36 23.91 -24.53
N LYS A 560 -7.96 25.01 -23.89
CA LYS A 560 -7.28 25.01 -22.60
C LYS A 560 -8.37 24.67 -21.57
N ALA A 561 -9.62 24.67 -22.03
CA ALA A 561 -10.76 24.26 -21.22
C ALA A 561 -10.70 22.77 -20.89
N ILE A 562 -10.06 21.99 -21.76
CA ILE A 562 -9.91 20.54 -21.53
C ILE A 562 -8.76 20.25 -20.57
N SER A 563 -7.74 21.09 -20.59
CA SER A 563 -6.60 20.99 -19.66
C SER A 563 -7.04 21.03 -18.23
N THR A 564 -8.21 21.62 -17.99
CA THR A 564 -8.72 21.87 -16.64
C THR A 564 -9.58 20.73 -16.09
N ARG A 565 -9.97 19.80 -16.96
CA ARG A 565 -10.81 18.65 -16.59
C ARG A 565 -10.08 17.65 -15.68
N ASP A 566 -10.85 16.88 -14.91
CA ASP A 566 -10.30 15.86 -14.04
C ASP A 566 -9.92 14.62 -14.86
N PRO A 567 -8.96 13.83 -14.39
CA PRO A 567 -8.30 12.79 -15.19
C PRO A 567 -9.18 11.60 -15.55
N LEU A 568 -10.40 11.58 -15.05
CA LEU A 568 -11.36 10.54 -15.44
C LEU A 568 -12.40 11.05 -16.45
N SER A 569 -12.22 12.31 -16.85
CA SER A 569 -13.21 13.08 -17.59
C SER A 569 -13.80 12.38 -18.81
N GLU A 570 -12.98 11.57 -19.47
CA GLU A 570 -13.35 10.92 -20.74
C GLU A 570 -13.22 11.86 -21.93
N ILE A 571 -12.41 11.44 -22.88
CA ILE A 571 -11.98 12.26 -23.99
C ILE A 571 -12.55 11.63 -25.27
N THR A 572 -13.33 12.41 -26.01
CA THR A 572 -14.04 11.91 -27.20
C THR A 572 -13.11 11.79 -28.40
N GLU A 573 -13.51 10.98 -29.37
CA GLU A 573 -12.69 10.77 -30.56
C GLU A 573 -12.38 12.07 -31.26
N GLN A 574 -13.34 12.99 -31.26
CA GLN A 574 -13.15 14.32 -31.83
C GLN A 574 -12.04 15.06 -31.10
N GLU A 575 -12.07 14.94 -29.77
CA GLU A 575 -11.15 15.65 -28.90
C GLU A 575 -9.75 15.05 -28.97
N LYS A 576 -9.65 13.72 -28.86
CA LYS A 576 -8.38 13.02 -28.96
C LYS A 576 -7.62 13.47 -30.19
N ASP A 577 -8.34 13.61 -31.30
CA ASP A 577 -7.73 14.02 -32.56
C ASP A 577 -7.39 15.50 -32.58
N PHE A 578 -8.31 16.33 -32.07
CA PHE A 578 -8.03 17.75 -31.91
C PHE A 578 -6.67 17.96 -31.24
N LEU A 579 -6.37 17.14 -30.22
CA LEU A 579 -5.14 17.24 -29.45
C LEU A 579 -3.92 16.85 -30.26
N TRP A 580 -3.94 15.68 -30.90
CA TRP A 580 -2.79 15.26 -31.66
C TRP A 580 -2.44 16.26 -32.76
N SER A 581 -3.46 16.93 -33.30
CA SER A 581 -3.25 18.04 -34.21
C SER A 581 -2.40 19.08 -33.51
N HIS A 582 -3.03 19.85 -32.62
CA HIS A 582 -2.39 21.00 -32.02
C HIS A 582 -1.50 20.61 -30.85
N ARG A 583 -0.78 19.51 -31.05
CA ARG A 583 0.18 19.00 -30.10
C ARG A 583 1.39 19.92 -29.95
N HIS A 584 1.86 20.48 -31.06
CA HIS A 584 3.04 21.33 -31.02
C HIS A 584 2.72 22.70 -30.43
N TYR A 585 1.44 22.98 -30.25
CA TYR A 585 0.96 24.19 -29.58
C TYR A 585 0.83 23.94 -28.08
N CYS A 586 0.74 22.66 -27.70
CA CYS A 586 0.47 22.25 -26.32
C CYS A 586 1.52 22.61 -25.31
N VAL A 587 2.79 22.65 -25.74
CA VAL A 587 3.93 23.06 -24.90
C VAL A 587 3.66 24.34 -24.10
N THR A 588 2.95 25.27 -24.72
CA THR A 588 2.50 26.49 -24.06
C THR A 588 1.51 26.28 -22.87
N ILE A 589 0.95 25.07 -22.76
CA ILE A 589 0.18 24.65 -21.56
C ILE A 589 0.61 23.26 -21.14
N PRO A 590 1.52 23.17 -20.15
CA PRO A 590 2.18 21.91 -19.81
C PRO A 590 1.23 20.81 -19.32
N GLU A 591 0.15 21.20 -18.65
CA GLU A 591 -0.63 20.23 -17.90
C GLU A 591 -1.64 19.43 -18.72
N ILE A 592 -1.70 19.70 -20.03
CA ILE A 592 -2.51 18.87 -20.94
C ILE A 592 -1.91 17.47 -21.11
N LEU A 593 -0.62 17.38 -20.81
CA LEU A 593 0.18 16.20 -21.10
C LEU A 593 -0.58 14.88 -20.84
N PRO A 594 -1.15 14.69 -19.63
CA PRO A 594 -1.93 13.45 -19.43
C PRO A 594 -2.96 13.17 -20.55
N LYS A 595 -3.63 14.22 -21.03
CA LYS A 595 -4.71 14.06 -22.02
C LYS A 595 -4.19 13.87 -23.42
N LEU A 596 -3.19 14.65 -23.78
CA LEU A 596 -2.46 14.45 -25.01
C LEU A 596 -1.89 13.04 -25.07
N LEU A 597 -1.36 12.54 -23.94
CA LEU A 597 -0.78 11.20 -23.89
C LEU A 597 -1.83 10.15 -24.10
N LEU A 598 -3.03 10.37 -23.60
CA LEU A 598 -4.12 9.42 -23.84
C LEU A 598 -4.74 9.63 -25.22
N SER A 599 -4.03 10.33 -26.10
CA SER A 599 -4.55 10.62 -27.41
C SER A 599 -3.62 10.13 -28.49
N VAL A 600 -2.40 9.83 -28.09
CA VAL A 600 -1.47 9.19 -28.98
C VAL A 600 -2.02 7.84 -29.45
N LYS A 601 -1.89 7.56 -30.74
CA LYS A 601 -2.16 6.23 -31.22
C LYS A 601 -1.01 5.28 -30.82
N TRP A 602 -1.08 4.76 -29.60
CA TRP A 602 0.05 4.02 -29.02
C TRP A 602 0.51 2.80 -29.81
N ASN A 603 -0.23 2.46 -30.87
CA ASN A 603 0.14 1.42 -31.80
C ASN A 603 0.69 1.97 -33.12
N SER A 604 0.92 3.27 -33.16
CA SER A 604 1.56 3.88 -34.32
C SER A 604 3.02 4.15 -33.98
N ARG A 605 3.96 3.55 -34.72
CA ARG A 605 5.38 3.83 -34.43
C ARG A 605 5.73 5.28 -34.78
N ASP A 606 5.12 5.81 -35.85
CA ASP A 606 5.20 7.24 -36.17
C ASP A 606 4.82 8.05 -34.94
N GLU A 607 3.54 7.99 -34.56
CA GLU A 607 2.98 8.81 -33.50
C GLU A 607 3.70 8.70 -32.16
N VAL A 608 4.16 7.50 -31.84
CA VAL A 608 4.82 7.32 -30.56
C VAL A 608 6.17 7.98 -30.59
N ALA A 609 6.91 7.81 -31.68
CA ALA A 609 8.25 8.39 -31.81
C ALA A 609 8.17 9.91 -31.67
N GLN A 610 7.12 10.47 -32.26
CA GLN A 610 6.86 11.89 -32.21
C GLN A 610 6.50 12.29 -30.79
N MET A 611 5.75 11.43 -30.11
CA MET A 611 5.36 11.69 -28.74
C MET A 611 6.59 11.66 -27.84
N TYR A 612 7.40 10.61 -27.99
CA TYR A 612 8.67 10.47 -27.28
C TYR A 612 9.47 11.76 -27.28
N CYS A 613 9.51 12.41 -28.45
CA CYS A 613 10.24 13.64 -28.64
C CYS A 613 9.66 14.84 -27.97
N LEU A 614 8.34 14.86 -27.79
CA LEU A 614 7.70 15.96 -27.09
C LEU A 614 7.97 15.81 -25.59
N VAL A 615 7.87 14.58 -25.11
CA VAL A 615 8.12 14.25 -23.72
C VAL A 615 9.55 14.57 -23.35
N LYS A 616 10.44 14.53 -24.33
CA LYS A 616 11.86 14.79 -24.12
C LYS A 616 12.09 16.12 -23.39
N ASP A 617 11.74 17.23 -24.01
CA ASP A 617 11.89 18.54 -23.36
C ASP A 617 10.58 19.26 -23.12
N TRP A 618 9.73 18.61 -22.35
CA TRP A 618 8.45 19.13 -21.96
C TRP A 618 8.60 19.93 -20.66
N PRO A 619 8.02 21.15 -20.59
CA PRO A 619 8.18 21.96 -19.38
C PRO A 619 7.68 21.14 -18.22
N PRO A 620 8.41 21.13 -17.10
CA PRO A 620 7.99 20.20 -16.03
C PRO A 620 6.71 20.68 -15.35
N ILE A 621 5.95 19.76 -14.79
CA ILE A 621 4.65 20.06 -14.17
C ILE A 621 4.61 19.74 -12.67
N LYS A 622 3.73 20.44 -11.94
CA LYS A 622 3.57 20.25 -10.49
C LYS A 622 3.51 18.76 -10.09
N PRO A 623 4.21 18.36 -9.03
CA PRO A 623 4.26 16.97 -8.60
C PRO A 623 2.89 16.29 -8.54
N GLU A 624 1.86 16.98 -8.05
CA GLU A 624 0.49 16.44 -7.94
C GLU A 624 -0.15 16.12 -9.30
N GLN A 625 0.56 16.47 -10.36
CA GLN A 625 0.10 16.29 -11.72
C GLN A 625 0.95 15.20 -12.38
N ALA A 626 2.22 15.13 -11.99
CA ALA A 626 3.14 14.12 -12.51
C ALA A 626 2.77 12.74 -11.99
N MET A 627 2.34 12.70 -10.73
CA MET A 627 1.94 11.47 -10.07
C MET A 627 0.97 10.65 -10.89
N GLU A 628 -0.09 11.30 -11.41
CA GLU A 628 -1.08 10.67 -12.29
C GLU A 628 -0.37 9.79 -13.31
N LEU A 629 0.74 10.31 -13.83
CA LEU A 629 1.50 9.66 -14.88
C LEU A 629 2.21 8.40 -14.39
N LEU A 630 2.00 8.03 -13.14
CA LEU A 630 2.55 6.80 -12.63
C LEU A 630 1.45 5.76 -12.38
N ASP A 631 0.19 6.10 -12.67
CA ASP A 631 -0.85 5.08 -12.57
C ASP A 631 -0.75 4.14 -13.78
N CYS A 632 -1.74 3.27 -13.96
CA CYS A 632 -1.71 2.31 -15.05
C CYS A 632 -2.52 2.76 -16.27
N ASN A 633 -2.32 4.00 -16.70
CA ASN A 633 -2.82 4.44 -18.00
C ASN A 633 -1.61 4.91 -18.76
N TYR A 634 -0.56 5.17 -17.99
CA TYR A 634 0.68 5.70 -18.52
C TYR A 634 1.77 4.70 -18.11
N PRO A 635 1.99 3.67 -18.97
CA PRO A 635 2.96 2.62 -18.72
C PRO A 635 4.29 2.79 -19.45
N ASP A 636 4.40 3.83 -20.27
CA ASP A 636 5.55 3.95 -21.19
C ASP A 636 6.81 4.51 -20.54
N PRO A 637 7.87 3.71 -20.48
CA PRO A 637 9.12 4.10 -19.82
C PRO A 637 9.52 5.56 -19.95
N MET A 638 9.41 6.13 -21.14
CA MET A 638 9.69 7.55 -21.37
C MET A 638 8.82 8.45 -20.51
N VAL A 639 7.51 8.25 -20.61
CA VAL A 639 6.54 9.01 -19.82
C VAL A 639 6.73 8.88 -18.30
N ARG A 640 6.78 7.66 -17.79
CA ARG A 640 6.93 7.45 -16.35
C ARG A 640 8.28 8.01 -15.90
N GLY A 641 9.31 7.82 -16.74
CA GLY A 641 10.64 8.34 -16.45
C GLY A 641 10.58 9.82 -16.21
N PHE A 642 9.76 10.51 -17.00
CA PHE A 642 9.56 11.96 -16.91
C PHE A 642 8.93 12.35 -15.59
N ALA A 643 7.87 11.65 -15.20
CA ALA A 643 7.21 11.90 -13.92
C ALA A 643 8.22 11.84 -12.78
N VAL A 644 9.06 10.81 -12.79
CA VAL A 644 10.09 10.62 -11.77
C VAL A 644 11.05 11.79 -11.69
N ARG A 645 11.29 12.49 -12.80
CA ARG A 645 12.14 13.66 -12.75
C ARG A 645 11.39 14.82 -12.12
N CYS A 646 10.16 15.03 -12.58
CA CYS A 646 9.29 16.06 -12.02
C CYS A 646 9.12 15.94 -10.52
N LEU A 647 9.26 14.71 -10.03
CA LEU A 647 9.23 14.42 -8.62
C LEU A 647 10.59 14.71 -7.96
N GLU A 648 11.68 14.35 -8.64
CA GLU A 648 13.02 14.49 -8.08
C GLU A 648 13.22 15.93 -7.74
N LYS A 649 12.82 16.79 -8.66
CA LYS A 649 13.05 18.22 -8.53
C LYS A 649 12.06 18.89 -7.57
N TYR A 650 10.77 18.74 -7.84
CA TYR A 650 9.74 19.57 -7.19
C TYR A 650 9.17 19.06 -5.85
N LEU A 651 8.94 17.76 -5.72
CA LEU A 651 8.26 17.20 -4.54
C LEU A 651 9.14 17.18 -3.28
N THR A 652 8.67 17.90 -2.26
CA THR A 652 9.39 18.00 -0.99
C THR A 652 9.18 16.78 -0.10
N ASP A 653 10.21 16.43 0.68
CA ASP A 653 10.14 15.35 1.68
C ASP A 653 8.89 15.30 2.54
N ASP A 654 8.26 16.46 2.76
CA ASP A 654 6.95 16.51 3.42
C ASP A 654 5.96 15.78 2.54
N LYS A 655 5.66 16.35 1.38
CA LYS A 655 4.70 15.79 0.44
C LYS A 655 4.97 14.33 0.13
N LEU A 656 6.23 13.93 0.08
CA LEU A 656 6.57 12.53 -0.05
C LEU A 656 5.97 11.78 1.12
N SER A 657 6.42 12.12 2.33
CA SER A 657 5.93 11.45 3.54
C SER A 657 4.41 11.31 3.49
N GLN A 658 3.74 12.22 2.79
CA GLN A 658 2.27 12.30 2.74
C GLN A 658 1.68 11.34 1.73
N TYR A 659 1.97 11.54 0.44
CA TYR A 659 1.46 10.65 -0.60
C TYR A 659 2.26 9.33 -0.76
N LEU A 660 2.96 8.92 0.30
CA LEU A 660 3.82 7.73 0.24
C LEU A 660 3.06 6.44 -0.06
N ILE A 661 1.88 6.26 0.52
CA ILE A 661 1.15 5.01 0.28
C ILE A 661 1.00 4.76 -1.21
N GLN A 662 0.59 5.78 -1.95
CA GLN A 662 0.39 5.66 -3.39
C GLN A 662 1.68 5.34 -4.10
N LEU A 663 2.75 6.07 -3.79
CA LEU A 663 4.03 5.86 -4.47
C LEU A 663 4.55 4.46 -4.29
N VAL A 664 4.27 3.87 -3.14
CA VAL A 664 4.69 2.51 -2.86
C VAL A 664 3.75 1.56 -3.58
N GLN A 665 2.46 1.90 -3.58
CA GLN A 665 1.46 1.15 -4.33
C GLN A 665 1.78 1.05 -5.80
N VAL A 666 2.37 2.09 -6.33
CA VAL A 666 2.49 2.26 -7.76
C VAL A 666 3.74 1.61 -8.38
N LEU A 667 4.66 1.15 -7.54
CA LEU A 667 5.77 0.35 -8.02
C LEU A 667 5.24 -0.93 -8.66
N LYS A 668 4.06 -1.37 -8.22
CA LYS A 668 3.49 -2.63 -8.68
C LYS A 668 3.22 -2.68 -10.17
N TYR A 669 3.09 -1.51 -10.81
CA TYR A 669 2.90 -1.43 -12.26
C TYR A 669 4.18 -1.10 -12.99
N GLU A 670 5.32 -1.05 -12.32
CA GLU A 670 6.53 -0.85 -13.09
C GLU A 670 6.81 -2.19 -13.76
N GLN A 671 7.11 -2.21 -15.05
CA GLN A 671 7.34 -3.48 -15.76
C GLN A 671 8.54 -4.29 -15.27
N TYR A 672 9.59 -3.60 -14.85
CA TYR A 672 10.82 -4.30 -14.45
C TYR A 672 11.27 -3.99 -13.02
N LEU A 673 12.16 -4.83 -12.49
CA LEU A 673 12.57 -4.74 -11.09
C LEU A 673 13.34 -3.46 -10.85
N ASP A 674 14.25 -3.17 -11.77
CA ASP A 674 15.15 -2.00 -11.73
C ASP A 674 14.61 -0.89 -12.61
N ASN A 675 14.08 0.15 -11.98
CA ASN A 675 13.55 1.29 -12.72
C ASN A 675 13.87 2.65 -12.08
N LEU A 676 13.40 3.72 -12.71
CA LEU A 676 13.73 5.03 -12.22
C LEU A 676 13.07 5.32 -10.88
N LEU A 677 11.76 5.11 -10.80
CA LEU A 677 11.01 5.30 -9.55
C LEU A 677 11.55 4.59 -8.28
N VAL A 678 11.91 3.31 -8.34
CA VAL A 678 12.57 2.72 -7.16
C VAL A 678 13.84 3.46 -6.79
N ARG A 679 14.70 3.66 -7.78
CA ARG A 679 15.95 4.35 -7.50
C ARG A 679 15.67 5.69 -6.83
N PHE A 680 14.46 6.21 -7.08
CA PHE A 680 14.03 7.45 -6.46
C PHE A 680 13.63 7.16 -5.04
N LEU A 681 12.47 6.53 -4.88
CA LEU A 681 11.96 6.18 -3.56
C LEU A 681 13.07 5.71 -2.64
N LEU A 682 13.74 4.62 -3.02
CA LEU A 682 14.75 4.00 -2.18
C LEU A 682 15.84 4.99 -1.76
N LYS A 683 16.26 5.86 -2.68
CA LYS A 683 17.25 6.87 -2.34
C LYS A 683 16.73 7.81 -1.26
N LYS A 684 15.51 8.33 -1.47
CA LYS A 684 14.84 9.17 -0.49
C LYS A 684 14.77 8.49 0.86
N ALA A 685 14.45 7.20 0.85
CA ALA A 685 14.18 6.49 2.07
C ALA A 685 15.44 6.20 2.86
N LEU A 686 16.58 6.18 2.18
CA LEU A 686 17.84 5.97 2.90
C LEU A 686 18.41 7.30 3.30
N THR A 687 17.79 8.37 2.81
CA THR A 687 18.27 9.73 2.95
C THR A 687 17.53 10.47 4.07
N ASN A 688 16.32 9.99 4.37
CA ASN A 688 15.43 10.57 5.37
C ASN A 688 14.71 9.46 6.12
N GLN A 689 15.23 9.15 7.31
CA GLN A 689 14.78 8.02 8.11
C GLN A 689 13.28 8.03 8.41
N ARG A 690 12.70 9.20 8.57
CA ARG A 690 11.27 9.27 8.84
C ARG A 690 10.46 8.71 7.66
N ILE A 691 10.90 9.00 6.44
CA ILE A 691 10.35 8.36 5.26
C ILE A 691 10.69 6.89 5.35
N GLY A 692 11.99 6.59 5.50
CA GLY A 692 12.46 5.22 5.61
C GLY A 692 11.51 4.33 6.40
N HIS A 693 11.27 4.70 7.65
CA HIS A 693 10.39 3.93 8.54
C HIS A 693 9.12 3.45 7.85
N PHE A 694 8.38 4.38 7.24
CA PHE A 694 7.13 4.03 6.58
C PHE A 694 7.33 3.41 5.21
N PHE A 695 8.34 3.89 4.47
CA PHE A 695 8.73 3.21 3.24
C PHE A 695 8.81 1.72 3.53
N PHE A 696 9.24 1.37 4.75
CA PHE A 696 9.54 -0.02 5.13
C PHE A 696 8.30 -0.77 5.58
N TRP A 697 7.51 -0.14 6.44
CA TRP A 697 6.30 -0.78 6.91
C TRP A 697 5.31 -0.97 5.76
N HIS A 698 5.23 0.02 4.86
CA HIS A 698 4.30 -0.09 3.75
C HIS A 698 4.68 -1.21 2.84
N LEU A 699 5.96 -1.57 2.82
CA LEU A 699 6.41 -2.65 1.98
C LEU A 699 6.29 -3.95 2.73
N LYS A 700 6.45 -3.91 4.04
CA LYS A 700 6.46 -5.15 4.78
C LYS A 700 5.07 -5.68 4.84
N SER A 701 4.10 -4.78 5.00
CA SER A 701 2.71 -5.16 5.16
C SER A 701 2.15 -5.99 4.02
N GLU A 702 2.73 -5.89 2.82
CA GLU A 702 2.27 -6.73 1.71
C GLU A 702 3.19 -7.89 1.38
N MET A 703 4.17 -8.17 2.21
CA MET A 703 5.06 -9.28 1.96
C MET A 703 4.38 -10.66 1.94
N HIS A 704 3.21 -10.76 2.57
CA HIS A 704 2.41 -11.98 2.54
C HIS A 704 1.81 -12.20 1.15
N ASN A 705 1.90 -11.17 0.31
CA ASN A 705 1.09 -11.05 -0.90
C ASN A 705 1.85 -11.42 -2.18
N LYS A 706 1.71 -12.68 -2.58
CA LYS A 706 2.64 -13.37 -3.50
C LYS A 706 2.84 -12.74 -4.86
N THR A 707 1.77 -12.19 -5.42
CA THR A 707 1.87 -11.34 -6.62
C THR A 707 2.97 -10.26 -6.52
N VAL A 708 3.39 -9.89 -5.31
CA VAL A 708 4.26 -8.74 -5.15
C VAL A 708 5.38 -9.01 -4.11
N SER A 709 5.49 -10.27 -3.70
CA SER A 709 6.32 -10.63 -2.55
C SER A 709 7.79 -10.48 -2.82
N GLN A 710 8.21 -10.65 -4.06
CA GLN A 710 9.62 -10.67 -4.35
C GLN A 710 10.10 -9.31 -4.79
N ARG A 711 9.28 -8.61 -5.59
CA ARG A 711 9.64 -7.25 -5.94
C ARG A 711 9.84 -6.46 -4.64
N PHE A 712 8.98 -6.71 -3.67
CA PHE A 712 9.04 -6.03 -2.40
C PHE A 712 10.12 -6.60 -1.53
N GLY A 713 10.19 -7.92 -1.47
CA GLY A 713 11.26 -8.61 -0.78
C GLY A 713 12.60 -8.09 -1.26
N LEU A 714 12.79 -8.12 -2.59
CA LEU A 714 13.98 -7.57 -3.20
C LEU A 714 14.27 -6.14 -2.77
N LEU A 715 13.22 -5.30 -2.81
CA LEU A 715 13.35 -3.88 -2.44
C LEU A 715 13.80 -3.74 -1.02
N LEU A 716 13.03 -4.37 -0.12
CA LEU A 716 13.33 -4.40 1.30
C LEU A 716 14.76 -4.79 1.62
N GLU A 717 15.29 -5.80 0.94
CA GLU A 717 16.67 -6.19 1.21
C GLU A 717 17.63 -5.03 1.01
N SER A 718 17.66 -4.48 -0.20
CA SER A 718 18.60 -3.41 -0.52
C SER A 718 18.51 -2.31 0.53
N TYR A 719 17.30 -1.91 0.89
CA TYR A 719 17.07 -0.94 1.96
C TYR A 719 17.70 -1.30 3.33
N CYS A 720 17.55 -2.53 3.80
CA CYS A 720 18.14 -2.88 5.09
C CYS A 720 19.65 -2.95 4.99
N ARG A 721 20.13 -3.46 3.88
CA ARG A 721 21.53 -3.58 3.70
C ARG A 721 22.12 -2.19 3.86
N ALA A 722 21.36 -1.17 3.47
CA ALA A 722 21.88 0.20 3.39
C ALA A 722 21.37 1.20 4.45
N CYS A 723 20.42 0.80 5.29
CA CYS A 723 19.74 1.71 6.22
C CYS A 723 20.47 2.05 7.53
N GLY A 724 21.69 1.54 7.70
CA GLY A 724 22.43 1.78 8.94
C GLY A 724 21.83 1.09 10.17
N MET A 725 22.17 1.61 11.36
CA MET A 725 21.77 0.97 12.60
C MET A 725 20.31 1.28 12.93
N TYR A 726 19.47 1.45 11.91
CA TYR A 726 18.04 1.56 12.15
C TYR A 726 17.42 0.19 12.12
N LEU A 727 17.89 -0.66 11.20
CA LEU A 727 17.54 -2.07 11.18
C LEU A 727 17.37 -2.65 12.58
N LYS A 728 18.23 -2.26 13.51
CA LYS A 728 18.13 -2.80 14.86
C LYS A 728 16.86 -2.38 15.58
N HIS A 729 16.35 -1.18 15.31
CA HIS A 729 15.08 -0.73 15.90
C HIS A 729 13.92 -1.37 15.20
N LEU A 730 14.03 -1.50 13.88
CA LEU A 730 13.00 -2.13 13.08
C LEU A 730 12.78 -3.57 13.55
N ASN A 731 13.87 -4.32 13.60
CA ASN A 731 13.86 -5.66 14.16
C ASN A 731 13.13 -5.71 15.51
N ARG A 732 13.22 -4.64 16.30
CA ARG A 732 12.59 -4.70 17.58
C ARG A 732 11.09 -4.53 17.47
N GLN A 733 10.66 -3.69 16.52
CA GLN A 733 9.25 -3.51 16.20
C GLN A 733 8.65 -4.80 15.60
N VAL A 734 9.45 -5.48 14.79
CA VAL A 734 9.00 -6.72 14.24
C VAL A 734 8.88 -7.75 15.39
N GLU A 735 9.98 -8.04 16.09
CA GLU A 735 9.97 -8.89 17.30
C GLU A 735 8.67 -8.68 18.09
N ALA A 736 8.29 -7.42 18.30
CA ALA A 736 7.19 -7.09 19.17
C ALA A 736 5.84 -7.40 18.51
N MET A 737 5.73 -7.11 17.22
CA MET A 737 4.47 -7.30 16.53
C MET A 737 4.11 -8.77 16.40
N GLU A 738 5.12 -9.63 16.41
CA GLU A 738 4.91 -11.07 16.25
C GLU A 738 4.33 -11.63 17.52
N LYS A 739 4.98 -11.30 18.64
CA LYS A 739 4.48 -11.63 19.95
C LYS A 739 3.03 -11.22 20.00
N LEU A 740 2.77 -10.00 19.57
CA LEU A 740 1.42 -9.52 19.54
C LEU A 740 0.51 -10.35 18.64
N ILE A 741 0.95 -10.67 17.42
CA ILE A 741 0.09 -11.46 16.55
C ILE A 741 -0.21 -12.78 17.19
N ASN A 742 0.80 -13.40 17.78
CA ASN A 742 0.62 -14.71 18.38
C ASN A 742 -0.36 -14.74 19.53
N LEU A 743 -0.31 -13.71 20.37
CA LEU A 743 -1.08 -13.64 21.58
C LEU A 743 -2.55 -13.57 21.22
N THR A 744 -2.87 -12.69 20.28
CA THR A 744 -4.23 -12.57 19.78
C THR A 744 -4.71 -13.82 19.04
N ASP A 745 -3.79 -14.58 18.44
CA ASP A 745 -4.16 -15.83 17.79
C ASP A 745 -4.68 -16.88 18.76
N ILE A 746 -4.31 -16.74 20.02
CA ILE A 746 -4.82 -17.65 21.04
C ILE A 746 -6.13 -17.09 21.61
N LEU A 747 -6.21 -15.76 21.69
CA LEU A 747 -7.41 -15.13 22.25
C LEU A 747 -8.65 -15.30 21.38
N LYS A 748 -8.50 -15.41 20.07
CA LYS A 748 -9.54 -16.06 19.28
C LYS A 748 -8.95 -17.37 18.87
N GLN A 749 -9.74 -18.25 18.27
CA GLN A 749 -9.17 -19.44 17.67
C GLN A 749 -8.80 -20.50 18.71
N GLU A 750 -7.53 -20.52 19.13
CA GLU A 750 -6.95 -21.61 19.93
C GLU A 750 -7.73 -21.77 21.21
N LYS A 751 -8.93 -22.31 21.05
CA LYS A 751 -10.02 -22.10 21.99
C LYS A 751 -9.96 -20.66 22.50
N LYS A 752 -9.62 -20.51 23.79
CA LYS A 752 -9.74 -19.26 24.53
C LYS A 752 -10.96 -18.43 24.06
N ASP A 753 -12.08 -19.11 23.87
CA ASP A 753 -13.40 -18.47 23.76
C ASP A 753 -14.16 -18.78 25.05
N GLU A 754 -13.52 -18.34 26.13
CA GLU A 754 -13.98 -18.47 27.50
C GLU A 754 -14.63 -17.16 27.89
N THR A 755 -15.13 -17.11 29.12
CA THR A 755 -15.67 -15.88 29.69
C THR A 755 -14.65 -14.77 29.47
N GLN A 756 -15.13 -13.56 29.24
CA GLN A 756 -14.27 -12.42 28.99
C GLN A 756 -13.19 -12.35 30.05
N LYS A 757 -13.61 -12.53 31.30
CA LYS A 757 -12.72 -12.53 32.45
C LYS A 757 -11.58 -13.54 32.35
N VAL A 758 -11.87 -14.78 31.94
CA VAL A 758 -10.84 -15.83 31.81
C VAL A 758 -9.73 -15.40 30.87
N GLN A 759 -10.15 -14.97 29.68
CA GLN A 759 -9.25 -14.48 28.64
C GLN A 759 -8.28 -13.45 29.19
N MET A 760 -8.82 -12.55 30.01
CA MET A 760 -8.04 -11.54 30.69
C MET A 760 -7.04 -12.12 31.69
N LYS A 761 -7.45 -13.18 32.39
CA LYS A 761 -6.53 -13.96 33.23
C LYS A 761 -5.31 -14.37 32.43
N PHE A 762 -5.56 -14.87 31.20
CA PHE A 762 -4.48 -15.33 30.33
C PHE A 762 -3.57 -14.19 29.90
N LEU A 763 -4.16 -13.10 29.42
CA LEU A 763 -3.39 -11.97 28.93
C LEU A 763 -2.43 -11.48 29.98
N VAL A 764 -2.96 -11.27 31.18
CA VAL A 764 -2.21 -10.70 32.29
C VAL A 764 -1.03 -11.58 32.64
N GLU A 765 -1.30 -12.87 32.79
CA GLU A 765 -0.24 -13.85 33.00
C GLU A 765 0.81 -13.71 31.94
N GLN A 766 0.37 -13.77 30.69
CA GLN A 766 1.26 -13.94 29.56
C GLN A 766 2.12 -12.71 29.36
N MET A 767 1.56 -11.52 29.58
CA MET A 767 2.36 -10.30 29.52
C MET A 767 3.47 -10.27 30.57
N ARG A 768 3.17 -10.68 31.80
CA ARG A 768 4.18 -10.72 32.87
C ARG A 768 5.39 -11.58 32.53
N ARG A 769 5.19 -12.65 31.76
CA ARG A 769 6.26 -13.56 31.39
C ARG A 769 7.46 -12.75 30.87
N PRO A 770 8.70 -13.18 31.21
CA PRO A 770 9.88 -12.38 30.92
C PRO A 770 10.25 -12.27 29.43
N ASP A 771 9.86 -13.24 28.61
CA ASP A 771 10.11 -13.14 27.17
C ASP A 771 9.30 -11.99 26.60
N PHE A 772 8.09 -11.83 27.11
CA PHE A 772 7.14 -10.81 26.67
C PHE A 772 7.46 -9.41 27.20
N MET A 773 7.87 -9.34 28.46
CA MET A 773 8.38 -8.12 29.05
C MET A 773 9.54 -7.54 28.23
N ASP A 774 10.41 -8.41 27.74
CA ASP A 774 11.52 -7.96 26.90
C ASP A 774 11.04 -7.49 25.55
N ALA A 775 10.34 -8.38 24.86
CA ALA A 775 9.84 -8.17 23.51
C ALA A 775 9.02 -6.91 23.36
N LEU A 776 8.28 -6.54 24.41
CA LEU A 776 7.25 -5.51 24.26
C LEU A 776 7.42 -4.28 25.12
N GLN A 777 8.66 -4.02 25.52
CA GLN A 777 8.93 -2.89 26.37
C GLN A 777 10.15 -2.19 25.84
N GLY A 778 9.99 -0.92 25.51
CA GLY A 778 11.13 -0.12 25.11
C GLY A 778 11.55 -0.32 23.67
N PHE A 779 10.69 0.16 22.77
CA PHE A 779 10.94 0.16 21.31
C PHE A 779 10.13 1.28 20.67
N LEU A 780 10.38 1.56 19.39
CA LEU A 780 9.75 2.75 18.81
C LEU A 780 8.38 2.42 18.28
N SER A 781 7.40 3.28 18.53
CA SER A 781 6.06 3.07 18.01
C SER A 781 6.15 3.06 16.48
N PRO A 782 5.63 1.99 15.85
CA PRO A 782 5.45 1.96 14.40
C PRO A 782 4.54 3.10 13.87
N LEU A 783 3.61 3.59 14.69
CA LEU A 783 2.74 4.70 14.32
C LEU A 783 3.52 6.01 14.23
N ASN A 784 4.63 6.09 14.96
CA ASN A 784 5.45 7.29 14.97
C ASN A 784 6.78 7.02 15.64
N PRO A 785 7.86 6.84 14.86
CA PRO A 785 9.10 6.34 15.44
C PRO A 785 9.73 7.35 16.38
N ALA A 786 9.25 8.59 16.33
CA ALA A 786 9.66 9.61 17.29
C ALA A 786 9.08 9.35 18.68
N HIS A 787 8.25 8.32 18.80
CA HIS A 787 7.48 8.03 20.00
C HIS A 787 8.03 6.80 20.65
N GLN A 788 8.95 6.97 21.59
CA GLN A 788 9.48 5.89 22.43
C GLN A 788 8.42 5.21 23.30
N LEU A 789 8.31 3.88 23.17
CA LEU A 789 7.50 3.12 24.10
C LEU A 789 8.42 2.55 25.18
N GLY A 790 8.10 2.84 26.43
CA GLY A 790 8.91 2.39 27.53
C GLY A 790 8.39 1.09 28.07
N ASN A 791 8.25 1.03 29.39
CA ASN A 791 7.67 -0.12 30.10
C ASN A 791 6.15 -0.10 30.07
N LEU A 792 5.54 -1.27 30.14
CA LEU A 792 4.08 -1.35 30.02
C LEU A 792 3.40 -0.89 31.30
N ARG A 793 2.15 -0.47 31.18
CA ARG A 793 1.30 -0.28 32.35
C ARG A 793 0.38 -1.48 32.45
N LEU A 794 0.95 -2.62 32.83
CA LEU A 794 0.22 -3.88 32.81
C LEU A 794 -1.23 -3.80 33.30
N GLU A 795 -1.44 -3.05 34.37
CA GLU A 795 -2.77 -2.86 34.95
C GLU A 795 -3.68 -1.88 34.16
N GLU A 796 -3.26 -1.47 32.95
CA GLU A 796 -4.06 -0.62 32.03
C GLU A 796 -4.36 -1.26 30.66
N CYS A 797 -3.56 -2.27 30.30
CA CYS A 797 -3.76 -2.98 29.04
C CYS A 797 -4.85 -4.00 29.20
N ARG A 798 -5.82 -4.01 28.31
CA ARG A 798 -6.83 -5.06 28.38
C ARG A 798 -7.38 -5.42 27.00
N ILE A 799 -8.06 -6.56 26.92
CA ILE A 799 -8.66 -6.99 25.67
C ILE A 799 -9.95 -6.22 25.50
N MET A 800 -10.13 -5.63 24.33
CA MET A 800 -11.32 -4.86 24.06
C MET A 800 -12.43 -5.85 23.84
N SER A 801 -13.66 -5.39 23.63
CA SER A 801 -14.73 -6.35 23.38
C SER A 801 -15.22 -6.45 21.97
N SER A 802 -14.38 -6.96 21.09
CA SER A 802 -14.79 -7.28 19.73
C SER A 802 -14.56 -8.75 19.51
N ALA A 803 -15.31 -9.32 18.57
CA ALA A 803 -15.10 -10.68 18.09
C ALA A 803 -13.61 -10.84 17.84
N LYS A 804 -13.05 -10.02 16.95
CA LYS A 804 -11.59 -9.97 16.82
C LYS A 804 -11.14 -9.38 18.11
N ARG A 805 -10.01 -9.86 18.64
CA ARG A 805 -9.63 -9.53 20.01
C ARG A 805 -8.58 -8.41 20.06
N PRO A 806 -9.03 -7.14 20.10
CA PRO A 806 -8.12 -6.01 19.96
C PRO A 806 -7.42 -5.64 21.26
N LEU A 807 -6.11 -5.83 21.30
CA LEU A 807 -5.33 -5.52 22.51
C LEU A 807 -5.08 -4.03 22.67
N TRP A 808 -5.60 -3.47 23.76
CA TRP A 808 -5.46 -2.06 24.09
C TRP A 808 -4.26 -1.97 25.01
N LEU A 809 -3.16 -1.46 24.51
CA LEU A 809 -1.92 -1.44 25.26
C LEU A 809 -1.53 -0.03 25.65
N ASN A 810 -0.99 0.10 26.85
CA ASN A 810 -0.49 1.37 27.33
C ASN A 810 0.98 1.25 27.70
N TRP A 811 1.82 2.10 27.12
CA TRP A 811 3.24 2.21 27.55
C TRP A 811 3.52 3.55 28.19
N GLU A 812 4.49 3.54 29.09
CA GLU A 812 5.08 4.77 29.58
C GLU A 812 5.87 5.44 28.48
N ASN A 813 5.90 6.77 28.52
CA ASN A 813 6.81 7.55 27.69
C ASN A 813 8.10 7.73 28.51
N PRO A 814 9.22 7.13 28.05
CA PRO A 814 10.42 7.11 28.91
C PRO A 814 11.24 8.38 28.80
N ASP A 815 10.71 9.37 28.11
CA ASP A 815 11.37 10.64 28.00
C ASP A 815 11.46 11.31 29.37
N ILE A 816 12.56 12.03 29.57
CA ILE A 816 12.87 12.78 30.78
C ILE A 816 11.76 13.81 31.02
N MET A 817 11.33 14.45 29.94
CA MET A 817 10.32 15.52 29.97
C MET A 817 8.93 15.02 29.61
N SER A 818 8.68 13.73 29.85
CA SER A 818 7.48 13.04 29.38
C SER A 818 6.16 13.52 29.96
N GLU A 819 5.83 13.03 31.17
CA GLU A 819 4.48 13.12 31.78
C GLU A 819 3.91 14.54 32.02
N LEU A 820 4.71 15.46 32.56
CA LEU A 820 4.34 16.84 32.37
C LEU A 820 4.90 17.15 30.99
N LEU A 821 4.39 18.20 30.37
CA LEU A 821 4.93 18.68 29.10
C LEU A 821 4.48 17.86 27.93
N PHE A 822 4.05 16.61 28.15
CA PHE A 822 3.60 15.76 27.02
C PHE A 822 2.51 14.66 27.19
N GLN A 823 2.87 13.46 27.66
CA GLN A 823 1.92 12.32 27.58
C GLN A 823 2.35 10.97 28.18
N ASN A 824 1.36 10.09 28.48
CA ASN A 824 1.50 8.59 28.49
C ASN A 824 0.74 7.85 27.31
N ASN A 825 1.33 6.75 26.81
CA ASN A 825 1.08 6.25 25.43
C ASN A 825 0.16 5.03 25.17
N GLU A 826 -0.92 5.27 24.42
CA GLU A 826 -1.94 4.26 24.18
C GLU A 826 -2.10 3.90 22.70
N ILE A 827 -2.06 2.60 22.38
CA ILE A 827 -2.30 2.10 21.01
C ILE A 827 -3.18 0.88 21.01
N ILE A 828 -3.94 0.68 19.94
CA ILE A 828 -4.69 -0.57 19.79
C ILE A 828 -3.98 -1.51 18.80
N PHE A 829 -3.63 -2.71 19.28
CA PHE A 829 -3.16 -3.74 18.38
C PHE A 829 -4.33 -4.60 17.94
N LYS A 830 -4.69 -4.52 16.66
CA LYS A 830 -5.89 -5.20 16.19
C LYS A 830 -5.60 -6.19 15.09
N ASN A 831 -6.02 -7.43 15.35
CA ASN A 831 -5.66 -8.55 14.50
C ASN A 831 -6.86 -9.25 13.86
N GLY A 832 -7.35 -8.70 12.75
CA GLY A 832 -8.40 -9.38 12.01
C GLY A 832 -9.07 -8.57 10.92
N ASP A 833 -9.36 -7.30 11.22
CA ASP A 833 -9.84 -6.33 10.26
C ASP A 833 -8.67 -5.88 9.37
N ASP A 834 -8.92 -5.81 8.05
CA ASP A 834 -8.01 -5.25 7.05
C ASP A 834 -8.02 -3.73 7.16
N LEU A 835 -6.90 -3.16 7.61
CA LEU A 835 -6.88 -1.73 7.91
C LEU A 835 -6.53 -0.76 6.75
N ARG A 836 -6.17 -1.28 5.60
CA ARG A 836 -5.84 -0.44 4.44
C ARG A 836 -6.89 0.60 4.06
N GLN A 837 -8.15 0.22 3.98
CA GLN A 837 -9.19 1.17 3.63
C GLN A 837 -9.23 2.32 4.62
N ASP A 838 -9.16 2.00 5.90
CA ASP A 838 -9.11 3.01 6.97
C ASP A 838 -7.90 3.88 6.79
N MET A 839 -6.76 3.26 6.51
CA MET A 839 -5.50 3.96 6.26
C MET A 839 -5.64 5.04 5.18
N LEU A 840 -6.20 4.65 4.03
CA LEU A 840 -6.40 5.57 2.93
C LEU A 840 -7.40 6.66 3.28
N THR A 841 -8.49 6.29 3.95
CA THR A 841 -9.50 7.29 4.30
C THR A 841 -8.84 8.35 5.16
N LEU A 842 -8.14 7.88 6.20
CA LEU A 842 -7.41 8.78 7.11
C LEU A 842 -6.35 9.63 6.39
N GLN A 843 -5.70 9.07 5.38
CA GLN A 843 -4.85 9.87 4.52
C GLN A 843 -5.65 11.01 3.87
N ILE A 844 -6.73 10.63 3.20
CA ILE A 844 -7.53 11.58 2.44
C ILE A 844 -8.10 12.71 3.31
N ILE A 845 -8.49 12.39 4.53
CA ILE A 845 -9.02 13.40 5.46
C ILE A 845 -7.97 14.44 5.85
N ARG A 846 -6.83 13.96 6.35
CA ARG A 846 -5.61 14.77 6.53
C ARG A 846 -5.44 15.77 5.36
N ILE A 847 -5.23 15.25 4.15
CA ILE A 847 -5.15 16.07 2.93
C ILE A 847 -6.29 17.08 2.81
N MET A 848 -7.52 16.60 2.98
CA MET A 848 -8.67 17.46 2.90
C MET A 848 -8.43 18.60 3.85
N GLU A 849 -8.26 18.26 5.13
CA GLU A 849 -8.01 19.24 6.20
C GLU A 849 -6.91 20.23 5.83
N ASN A 850 -5.76 19.68 5.50
CA ASN A 850 -4.66 20.41 4.91
C ASN A 850 -5.07 21.45 3.88
N ILE A 851 -6.04 21.13 3.02
CA ILE A 851 -6.53 22.07 2.02
C ILE A 851 -7.38 23.19 2.63
N TRP A 852 -8.37 22.81 3.45
CA TRP A 852 -9.22 23.78 4.10
C TRP A 852 -8.49 24.75 5.02
N GLN A 853 -7.37 24.34 5.60
CA GLN A 853 -6.63 25.24 6.49
C GLN A 853 -5.75 26.20 5.70
N ASN A 854 -5.12 25.69 4.64
CA ASN A 854 -4.32 26.56 3.76
C ASN A 854 -5.11 27.52 2.86
N GLN A 855 -6.38 27.21 2.61
CA GLN A 855 -7.25 28.14 1.88
C GLN A 855 -7.74 29.23 2.82
N GLY A 856 -7.35 29.11 4.10
CA GLY A 856 -7.87 29.95 5.18
C GLY A 856 -9.23 29.44 5.60
N LEU A 857 -9.39 29.22 6.91
CA LEU A 857 -10.65 28.74 7.51
C LEU A 857 -11.11 27.37 6.98
N ASP A 858 -11.00 26.29 7.78
CA ASP A 858 -10.60 26.21 9.22
C ASP A 858 -11.61 25.30 9.90
N LEU A 859 -11.60 24.05 9.46
CA LEU A 859 -12.47 23.03 9.99
C LEU A 859 -11.53 21.95 10.44
N ARG A 860 -11.56 21.62 11.73
CA ARG A 860 -10.52 20.75 12.28
C ARG A 860 -10.89 19.28 12.31
N MET A 861 -10.23 18.52 11.45
CA MET A 861 -10.42 17.08 11.38
C MET A 861 -9.44 16.39 12.31
N LEU A 862 -9.72 15.12 12.61
CA LEU A 862 -8.82 14.36 13.45
C LEU A 862 -8.32 13.16 12.72
N PRO A 863 -7.24 13.34 11.94
CA PRO A 863 -6.79 12.21 11.17
C PRO A 863 -5.95 11.38 12.14
N TYR A 864 -6.62 10.54 12.93
CA TYR A 864 -5.92 9.73 13.94
C TYR A 864 -4.93 8.76 13.28
N GLY A 865 -3.99 8.23 14.05
CA GLY A 865 -2.94 7.37 13.48
C GLY A 865 -3.41 5.96 13.14
N CYS A 866 -3.04 5.48 11.96
CA CYS A 866 -3.38 4.12 11.60
C CYS A 866 -2.35 3.53 10.68
N LEU A 867 -1.98 2.27 10.93
CA LEU A 867 -0.87 1.66 10.18
C LEU A 867 -1.14 0.21 10.01
N SER A 868 -1.07 -0.25 8.77
CA SER A 868 -1.28 -1.63 8.49
C SER A 868 0.07 -2.27 8.48
N ILE A 869 0.25 -3.30 9.29
CA ILE A 869 1.52 -4.03 9.33
C ILE A 869 1.50 -5.38 8.58
N GLY A 870 0.31 -5.96 8.34
CA GLY A 870 0.28 -7.30 7.75
C GLY A 870 -0.98 -7.77 7.06
N ASP A 871 -1.18 -9.07 7.07
CA ASP A 871 -2.44 -9.55 6.57
C ASP A 871 -3.52 -9.28 7.60
N CYS A 872 -4.20 -8.13 7.46
CA CYS A 872 -5.20 -7.63 8.40
C CYS A 872 -4.72 -7.46 9.82
N VAL A 873 -3.44 -7.16 9.99
CA VAL A 873 -2.91 -6.89 11.31
C VAL A 873 -2.58 -5.42 11.31
N GLY A 874 -2.86 -4.72 12.41
CA GLY A 874 -2.59 -3.29 12.47
C GLY A 874 -2.62 -2.61 13.81
N LEU A 875 -2.17 -1.37 13.81
CA LEU A 875 -2.11 -0.54 15.00
C LEU A 875 -2.97 0.73 14.84
N ILE A 876 -3.78 1.05 15.83
CA ILE A 876 -4.55 2.28 15.82
C ILE A 876 -4.24 3.07 17.06
N GLU A 877 -4.05 4.36 16.86
CA GLU A 877 -3.73 5.28 17.94
C GLU A 877 -5.01 5.60 18.68
N VAL A 878 -5.01 5.37 19.99
CA VAL A 878 -6.10 5.82 20.87
C VAL A 878 -6.09 7.35 21.02
N VAL A 879 -7.21 7.96 20.63
CA VAL A 879 -7.44 9.38 20.82
C VAL A 879 -8.07 9.56 22.20
N ARG A 880 -7.21 9.55 23.23
CA ARG A 880 -7.60 9.68 24.64
C ARG A 880 -8.56 10.85 24.92
N ASN A 881 -9.68 10.54 25.58
CA ASN A 881 -10.65 11.55 26.03
C ASN A 881 -11.81 11.72 25.08
N SER A 882 -12.00 10.75 24.20
CA SER A 882 -13.16 10.76 23.32
C SER A 882 -14.12 9.69 23.79
N HIS A 883 -15.39 9.89 23.49
CA HIS A 883 -16.37 8.86 23.76
C HIS A 883 -17.32 8.83 22.58
N THR A 884 -17.82 7.64 22.25
CA THR A 884 -18.83 7.48 21.20
C THR A 884 -20.06 8.27 21.64
N ILE A 885 -20.79 8.84 20.68
CA ILE A 885 -22.06 9.46 20.99
C ILE A 885 -22.92 8.45 21.76
N MET A 886 -22.85 7.19 21.34
CA MET A 886 -23.59 6.10 22.00
C MET A 886 -22.95 5.61 23.32
N GLN A 887 -22.01 6.37 23.89
CA GLN A 887 -21.63 6.23 25.31
C GLN A 887 -22.30 7.33 26.11
N ILE A 888 -22.04 8.57 25.70
CA ILE A 888 -22.57 9.79 26.31
C ILE A 888 -24.00 9.71 26.88
N GLN A 889 -24.82 8.81 26.33
CA GLN A 889 -26.18 8.58 26.84
C GLN A 889 -26.21 8.02 28.27
N CYS A 890 -25.59 6.86 28.46
CA CYS A 890 -25.57 6.16 29.76
C CYS A 890 -24.94 7.04 30.83
N ASN A 901 -28.64 12.11 26.49
CA ASN A 901 -29.92 12.79 26.30
C ASN A 901 -29.90 13.70 25.06
N SER A 902 -31.01 13.73 24.32
CA SER A 902 -31.17 14.44 23.04
C SER A 902 -30.66 15.88 23.11
N HIS A 903 -30.96 16.51 24.24
CA HIS A 903 -30.36 17.78 24.60
C HIS A 903 -29.05 17.58 25.35
N THR A 904 -29.02 16.60 26.27
CA THR A 904 -27.88 16.40 27.20
C THR A 904 -26.56 15.98 26.51
N LEU A 905 -26.57 15.78 25.19
CA LEU A 905 -25.31 15.77 24.44
C LEU A 905 -24.78 17.19 24.51
N HIS A 906 -25.69 18.14 24.40
CA HIS A 906 -25.37 19.56 24.53
C HIS A 906 -25.15 19.96 26.00
N GLN A 907 -25.68 19.14 26.92
CA GLN A 907 -25.49 19.35 28.34
C GLN A 907 -24.20 18.71 28.82
N TRP A 908 -23.86 17.55 28.24
CA TRP A 908 -22.55 16.88 28.41
C TRP A 908 -21.43 17.83 27.98
N LEU A 909 -21.72 18.62 26.94
CA LEU A 909 -20.78 19.60 26.45
C LEU A 909 -20.69 20.84 27.32
N LYS A 910 -21.77 21.16 28.03
CA LYS A 910 -21.76 22.30 28.94
C LYS A 910 -21.22 21.88 30.32
N ASP A 911 -21.25 20.58 30.58
CA ASP A 911 -20.33 20.00 31.53
C ASP A 911 -19.03 19.83 30.75
N LYS A 912 -17.91 19.58 31.43
CA LYS A 912 -16.58 19.55 30.79
C LYS A 912 -16.14 20.95 30.32
N ASN A 913 -17.03 21.69 29.66
CA ASN A 913 -16.79 23.09 29.32
C ASN A 913 -17.71 24.02 30.09
N LYS A 914 -17.13 24.72 31.06
CA LYS A 914 -17.87 25.44 32.10
C LYS A 914 -18.74 26.58 31.57
N GLY A 915 -18.19 27.79 31.49
CA GLY A 915 -19.03 28.95 31.20
C GLY A 915 -18.62 29.78 30.01
N GLU A 916 -17.45 30.38 30.11
CA GLU A 916 -16.92 31.27 29.07
C GLU A 916 -16.24 30.44 28.02
N ILE A 917 -15.33 29.57 28.48
CA ILE A 917 -14.67 28.57 27.66
C ILE A 917 -15.68 27.86 26.76
N TYR A 918 -16.87 27.61 27.31
CA TYR A 918 -18.01 26.96 26.62
C TYR A 918 -18.34 27.44 25.19
N ASP A 919 -18.12 28.72 24.89
CA ASP A 919 -18.42 29.24 23.56
C ASP A 919 -17.54 28.64 22.45
N ALA A 920 -16.28 28.38 22.78
CA ALA A 920 -15.32 27.81 21.84
C ALA A 920 -15.54 26.31 21.60
N ALA A 921 -16.18 25.63 22.54
CA ALA A 921 -16.57 24.23 22.35
C ALA A 921 -17.60 24.09 21.25
N ILE A 922 -18.45 25.10 21.09
CA ILE A 922 -19.43 25.15 20.00
C ILE A 922 -18.73 25.60 18.72
N ASP A 923 -17.76 26.49 18.85
CA ASP A 923 -16.90 26.85 17.74
C ASP A 923 -16.21 25.60 17.22
N LEU A 924 -15.75 24.74 18.14
CA LEU A 924 -15.07 23.50 17.79
C LEU A 924 -15.98 22.41 17.25
N PHE A 925 -17.01 22.04 18.01
CA PHE A 925 -17.98 21.03 17.59
C PHE A 925 -18.57 21.33 16.22
N THR A 926 -18.97 22.59 16.03
CA THR A 926 -19.57 23.04 14.80
C THR A 926 -18.56 22.88 13.69
N ARG A 927 -17.31 23.26 14.00
CA ARG A 927 -16.24 23.23 13.02
C ARG A 927 -15.91 21.81 12.55
N SER A 928 -15.77 20.88 13.50
CA SER A 928 -15.50 19.49 13.18
C SER A 928 -16.67 18.76 12.50
N CYS A 929 -17.90 19.04 12.93
CA CYS A 929 -19.07 18.42 12.30
C CYS A 929 -19.13 18.71 10.81
N ALA A 930 -18.78 19.94 10.43
CA ALA A 930 -18.74 20.33 9.02
C ALA A 930 -17.77 19.44 8.27
N GLY A 931 -16.52 19.48 8.71
CA GLY A 931 -15.45 18.70 8.09
C GLY A 931 -15.89 17.29 7.77
N TYR A 932 -16.51 16.63 8.75
CA TYR A 932 -16.95 15.26 8.57
C TYR A 932 -18.25 15.16 7.79
N CYS A 933 -19.13 16.15 7.90
CA CYS A 933 -20.29 16.19 7.02
C CYS A 933 -19.80 16.22 5.60
N VAL A 934 -19.00 17.24 5.28
CA VAL A 934 -18.53 17.46 3.93
C VAL A 934 -17.74 16.26 3.42
N ALA A 935 -16.70 15.88 4.15
CA ALA A 935 -15.83 14.77 3.78
C ALA A 935 -16.56 13.43 3.72
N THR A 936 -17.37 13.17 4.74
CA THR A 936 -18.15 11.93 4.83
C THR A 936 -19.06 11.75 3.62
N PHE A 937 -19.57 12.88 3.14
CA PHE A 937 -20.46 12.90 2.01
C PHE A 937 -19.71 12.61 0.72
N ILE A 938 -18.62 13.33 0.51
CA ILE A 938 -17.80 13.21 -0.69
C ILE A 938 -17.28 11.78 -0.83
N LEU A 939 -16.67 11.27 0.23
CA LEU A 939 -16.10 9.93 0.21
C LEU A 939 -17.16 8.86 0.33
N GLY A 940 -18.40 9.29 0.56
CA GLY A 940 -19.54 8.40 0.62
C GLY A 940 -19.39 7.34 1.69
N ILE A 941 -19.58 7.76 2.93
CA ILE A 941 -19.56 6.82 4.03
C ILE A 941 -20.96 6.69 4.64
N GLY A 942 -21.57 5.51 4.42
CA GLY A 942 -22.79 5.09 5.15
C GLY A 942 -22.38 4.60 6.54
N ASP A 943 -23.14 3.67 7.13
CA ASP A 943 -22.76 3.12 8.45
C ASP A 943 -22.62 4.20 9.52
N ARG A 944 -23.16 5.39 9.23
CA ARG A 944 -22.91 6.57 10.06
C ARG A 944 -23.84 6.63 11.27
N HIS A 945 -23.65 5.68 12.20
CA HIS A 945 -24.46 5.64 13.42
C HIS A 945 -23.63 6.13 14.62
N ASN A 946 -24.29 6.47 15.72
CA ASN A 946 -23.66 7.20 16.83
C ASN A 946 -22.52 6.50 17.60
N SER A 947 -22.29 5.21 17.35
CA SER A 947 -21.12 4.49 17.91
C SER A 947 -19.91 4.45 16.96
N ASN A 948 -20.06 5.13 15.81
CA ASN A 948 -19.00 5.37 14.84
C ASN A 948 -18.47 6.78 14.92
N ILE A 949 -19.26 7.67 15.51
CA ILE A 949 -18.90 9.06 15.67
C ILE A 949 -18.51 9.28 17.12
N MET A 950 -17.37 9.93 17.34
CA MET A 950 -16.93 10.19 18.70
C MET A 950 -16.87 11.67 18.97
N VAL A 951 -17.19 12.03 20.21
CA VAL A 951 -16.97 13.40 20.66
C VAL A 951 -15.93 13.40 21.76
N LYS A 952 -15.04 14.38 21.63
CA LYS A 952 -13.94 14.59 22.53
C LYS A 952 -14.29 15.78 23.45
N ASP A 953 -13.85 15.73 24.72
CA ASP A 953 -14.24 16.69 25.78
C ASP A 953 -14.15 18.18 25.42
N ASP A 954 -13.05 18.56 24.77
CA ASP A 954 -12.81 19.94 24.35
C ASP A 954 -13.89 20.44 23.39
N GLY A 955 -14.71 19.51 22.92
CA GLY A 955 -15.86 19.83 22.07
C GLY A 955 -15.75 19.28 20.66
N GLN A 956 -14.65 18.57 20.38
CA GLN A 956 -14.32 18.11 19.03
C GLN A 956 -15.09 16.87 18.62
N LEU A 957 -15.42 16.79 17.34
CA LEU A 957 -16.06 15.62 16.77
C LEU A 957 -15.08 14.92 15.84
N PHE A 958 -15.25 13.62 15.64
CA PHE A 958 -14.46 12.90 14.66
C PHE A 958 -14.96 11.49 14.44
N HIS A 959 -15.12 11.12 13.18
CA HIS A 959 -15.60 9.80 12.81
C HIS A 959 -14.45 8.81 12.92
N ILE A 960 -14.76 7.58 13.31
CA ILE A 960 -13.77 6.52 13.32
C ILE A 960 -14.33 5.33 12.54
N ASP A 961 -13.60 4.22 12.57
CA ASP A 961 -13.96 2.95 11.90
C ASP A 961 -14.69 3.09 10.56
N PHE A 962 -13.89 3.43 9.55
CA PHE A 962 -14.36 3.64 8.21
C PHE A 962 -14.48 2.28 7.57
N GLY A 963 -13.41 1.82 6.93
CA GLY A 963 -13.42 0.52 6.30
C GLY A 963 -14.21 0.49 5.01
N HIS A 964 -15.50 0.82 5.09
CA HIS A 964 -16.34 0.67 3.92
C HIS A 964 -16.57 1.94 3.11
N PHE A 965 -16.21 1.82 1.84
CA PHE A 965 -15.92 2.95 0.96
C PHE A 965 -17.10 3.57 0.25
N LEU A 966 -16.80 4.06 -0.95
CA LEU A 966 -17.69 4.87 -1.78
C LEU A 966 -18.81 4.06 -2.46
N ASP A 967 -20.04 4.24 -1.95
CA ASP A 967 -21.28 3.52 -2.37
C ASP A 967 -21.33 2.07 -1.88
N HIS A 968 -20.19 1.36 -1.98
CA HIS A 968 -20.04 -0.02 -1.53
C HIS A 968 -20.59 -0.28 -0.11
N PRO A 981 -26.34 9.45 1.65
CA PRO A 981 -27.12 10.69 1.67
C PRO A 981 -26.36 11.88 2.27
N PHE A 982 -25.92 11.73 3.52
CA PHE A 982 -25.43 12.83 4.38
C PHE A 982 -25.58 12.31 5.82
N VAL A 983 -25.03 13.04 6.79
CA VAL A 983 -25.30 12.75 8.22
C VAL A 983 -26.40 13.69 8.75
N LEU A 984 -26.07 14.49 9.78
CA LEU A 984 -27.01 15.39 10.47
C LEU A 984 -28.16 14.71 11.16
N THR A 985 -27.92 14.37 12.43
CA THR A 985 -28.95 13.98 13.35
C THR A 985 -29.24 15.21 14.18
N GLN A 986 -30.44 15.27 14.74
CA GLN A 986 -30.87 16.37 15.59
C GLN A 986 -29.84 16.64 16.67
N ASP A 987 -29.41 15.57 17.36
CA ASP A 987 -28.35 15.64 18.37
C ASP A 987 -27.32 16.71 18.06
N PHE A 988 -26.65 16.54 16.91
CA PHE A 988 -25.61 17.47 16.45
C PHE A 988 -26.23 18.83 16.19
N LEU A 989 -27.33 18.81 15.47
CA LEU A 989 -28.04 20.04 15.11
C LEU A 989 -28.50 20.81 16.34
N ILE A 990 -28.55 20.15 17.49
CA ILE A 990 -28.89 20.80 18.77
C ILE A 990 -27.66 21.49 19.40
N VAL A 991 -26.49 20.87 19.24
CA VAL A 991 -25.23 21.39 19.80
C VAL A 991 -24.77 22.64 19.05
N ILE A 992 -24.90 22.61 17.73
CA ILE A 992 -24.81 23.81 16.94
C ILE A 992 -26.12 24.49 17.24
N SER A 993 -26.13 25.81 17.36
CA SER A 993 -27.26 26.55 17.98
C SER A 993 -27.33 26.19 19.47
N LYS A 994 -26.48 26.87 20.25
CA LYS A 994 -26.21 26.51 21.63
C LYS A 994 -27.47 26.27 22.49
N GLY A 995 -28.08 25.10 22.31
CA GLY A 995 -29.21 24.69 23.16
C GLY A 995 -30.60 24.74 22.53
N ALA A 996 -30.88 25.80 21.79
CA ALA A 996 -32.22 26.04 21.23
C ALA A 996 -32.76 24.88 20.34
N GLN A 997 -34.08 24.89 20.11
CA GLN A 997 -34.76 23.91 19.26
C GLN A 997 -35.28 24.51 17.94
N GLU A 998 -35.36 25.84 17.87
CA GLU A 998 -35.84 26.55 16.69
C GLU A 998 -34.79 26.61 15.57
N THR A 1000 -31.80 25.55 13.44
CA THR A 1000 -32.35 25.13 12.15
C THR A 1000 -32.70 26.34 11.28
N LYS A 1001 -33.43 27.29 11.86
CA LYS A 1001 -33.57 28.63 11.27
C LYS A 1001 -32.76 29.60 12.14
N THR A 1002 -31.78 29.03 12.85
CA THR A 1002 -31.01 29.76 13.84
C THR A 1002 -29.90 30.61 13.21
N ARG A 1003 -29.48 31.62 13.98
CA ARG A 1003 -28.36 32.49 13.64
C ARG A 1003 -27.12 31.66 13.31
N GLU A 1004 -26.91 30.60 14.10
CA GLU A 1004 -25.69 29.81 14.03
C GLU A 1004 -25.73 28.84 12.87
N PHE A 1005 -26.83 28.09 12.73
CA PHE A 1005 -26.98 27.12 11.66
C PHE A 1005 -26.72 27.75 10.29
N GLU A 1006 -27.01 29.03 10.17
CA GLU A 1006 -26.73 29.78 8.94
C GLU A 1006 -25.22 29.78 8.65
N ARG A 1007 -24.41 30.03 9.67
CA ARG A 1007 -22.96 30.11 9.53
C ARG A 1007 -22.37 28.77 9.10
N PHE A 1008 -22.91 27.71 9.70
CA PHE A 1008 -22.58 26.31 9.46
C PHE A 1008 -22.66 25.98 7.97
N GLN A 1009 -23.65 26.58 7.31
CA GLN A 1009 -23.88 26.40 5.88
C GLN A 1009 -22.74 27.01 5.09
N GLU A 1010 -22.31 28.23 5.43
CA GLU A 1010 -21.15 28.84 4.77
C GLU A 1010 -19.88 27.99 4.87
N MET A 1011 -19.61 27.41 6.05
CA MET A 1011 -18.45 26.54 6.23
C MET A 1011 -18.55 25.38 5.25
N CYS A 1012 -19.68 24.68 5.27
CA CYS A 1012 -19.91 23.57 4.35
C CYS A 1012 -19.89 23.95 2.87
N TYR A 1013 -20.41 25.12 2.54
CA TYR A 1013 -20.40 25.56 1.15
C TYR A 1013 -18.96 25.86 0.77
N LYS A 1014 -18.29 26.69 1.58
CA LYS A 1014 -16.92 27.08 1.32
C LYS A 1014 -16.00 25.85 1.19
N ALA A 1015 -16.28 24.82 1.99
CA ALA A 1015 -15.47 23.59 2.09
C ALA A 1015 -15.62 22.65 0.92
N TYR A 1016 -16.85 22.20 0.70
CA TYR A 1016 -17.22 21.44 -0.49
C TYR A 1016 -16.49 21.93 -1.74
N LEU A 1017 -16.68 23.21 -2.04
CA LEU A 1017 -16.06 23.82 -3.21
C LEU A 1017 -14.52 23.80 -3.21
N ALA A 1018 -13.92 23.85 -2.01
CA ALA A 1018 -12.47 23.78 -1.89
C ALA A 1018 -11.96 22.43 -2.39
N ILE A 1019 -12.60 21.35 -1.94
CA ILE A 1019 -12.30 19.99 -2.39
C ILE A 1019 -12.52 19.92 -3.89
N ARG A 1020 -13.61 20.50 -4.37
CA ARG A 1020 -13.94 20.44 -5.80
C ARG A 1020 -12.89 21.08 -6.69
N GLN A 1021 -12.39 22.25 -6.29
CA GLN A 1021 -11.24 22.85 -6.94
C GLN A 1021 -10.07 21.88 -6.93
N HIS A 1022 -9.91 21.16 -5.81
CA HIS A 1022 -8.82 20.22 -5.67
C HIS A 1022 -9.18 18.77 -6.03
N ALA A 1023 -10.25 18.60 -6.80
CA ALA A 1023 -10.51 17.32 -7.45
C ALA A 1023 -9.35 17.12 -8.39
N ASN A 1024 -8.92 15.88 -8.57
CA ASN A 1024 -7.74 15.59 -9.37
C ASN A 1024 -6.76 14.94 -8.46
N LEU A 1025 -6.22 15.73 -7.52
CA LEU A 1025 -5.38 15.21 -6.45
C LEU A 1025 -6.10 13.99 -5.91
N PHE A 1026 -7.40 14.18 -5.64
CA PHE A 1026 -8.23 13.16 -5.05
C PHE A 1026 -8.57 12.05 -6.01
N ILE A 1027 -8.84 12.41 -7.27
CA ILE A 1027 -9.07 11.43 -8.32
C ILE A 1027 -7.81 10.60 -8.58
N ASN A 1028 -6.65 11.25 -8.58
CA ASN A 1028 -5.36 10.59 -8.73
C ASN A 1028 -4.95 9.78 -7.52
N LEU A 1029 -5.25 10.30 -6.33
CA LEU A 1029 -4.91 9.57 -5.11
C LEU A 1029 -5.64 8.26 -5.05
N PHE A 1030 -6.92 8.30 -5.40
CA PHE A 1030 -7.66 7.07 -5.60
C PHE A 1030 -7.16 6.25 -6.81
N SER A 1031 -6.86 6.91 -7.92
CA SER A 1031 -6.35 6.22 -9.11
C SER A 1031 -5.15 5.32 -8.88
N MET A 1032 -4.24 5.74 -8.00
CA MET A 1032 -2.98 5.03 -7.82
C MET A 1032 -3.19 3.76 -7.04
N MET A 1033 -4.31 3.69 -6.35
CA MET A 1033 -4.62 2.61 -5.44
C MET A 1033 -4.97 1.29 -6.11
N LEU A 1034 -5.29 1.35 -7.41
CA LEU A 1034 -5.87 0.23 -8.14
C LEU A 1034 -4.89 -0.89 -8.51
N GLY A 1035 -4.34 -1.57 -7.51
CA GLY A 1035 -3.39 -2.64 -7.79
C GLY A 1035 -2.97 -3.32 -6.51
N SER A 1036 -3.49 -2.76 -5.41
CA SER A 1036 -3.46 -3.37 -4.10
C SER A 1036 -4.73 -4.21 -3.97
N GLY A 1037 -4.68 -5.24 -3.12
CA GLY A 1037 -5.81 -6.17 -2.91
C GLY A 1037 -7.12 -5.56 -2.45
N MET A 1038 -7.12 -4.24 -2.23
CA MET A 1038 -8.33 -3.51 -1.81
C MET A 1038 -9.53 -3.76 -2.70
N PRO A 1039 -10.58 -4.38 -2.12
CA PRO A 1039 -11.79 -4.79 -2.80
C PRO A 1039 -12.90 -3.71 -2.83
N GLU A 1040 -12.53 -2.45 -3.00
CA GLU A 1040 -13.50 -1.40 -3.29
C GLU A 1040 -12.90 -0.52 -4.39
N LEU A 1041 -11.63 -0.74 -4.69
CA LEU A 1041 -10.92 -0.01 -5.72
C LEU A 1041 -10.23 -0.95 -6.67
N GLN A 1042 -10.99 -1.51 -7.60
CA GLN A 1042 -10.46 -2.39 -8.64
C GLN A 1042 -10.59 -1.81 -10.06
N SER A 1043 -11.55 -0.92 -10.27
CA SER A 1043 -11.74 -0.27 -11.57
C SER A 1043 -11.94 1.23 -11.42
N PHE A 1044 -11.82 1.95 -12.52
CA PHE A 1044 -12.11 3.38 -12.53
C PHE A 1044 -13.60 3.53 -12.30
N ASP A 1045 -14.33 2.55 -12.83
CA ASP A 1045 -15.73 2.36 -12.51
C ASP A 1045 -15.94 2.70 -11.02
N ASP A 1046 -15.16 2.07 -10.14
CA ASP A 1046 -15.29 2.25 -8.70
C ASP A 1046 -15.12 3.69 -8.24
N ILE A 1047 -14.12 4.37 -8.80
CA ILE A 1047 -13.82 5.77 -8.44
C ILE A 1047 -14.94 6.71 -8.87
N ALA A 1048 -15.66 6.34 -9.92
CA ALA A 1048 -16.75 7.16 -10.44
C ALA A 1048 -17.61 7.82 -9.35
N TYR A 1049 -17.81 7.12 -8.23
CA TYR A 1049 -18.64 7.63 -7.14
C TYR A 1049 -18.31 9.06 -6.80
N ILE A 1050 -17.05 9.34 -6.46
CA ILE A 1050 -16.70 10.68 -6.00
C ILE A 1050 -16.72 11.73 -7.12
N ARG A 1051 -16.67 11.25 -8.36
CA ARG A 1051 -16.92 12.11 -9.52
C ARG A 1051 -18.36 12.62 -9.53
N LYS A 1052 -19.28 11.87 -8.92
CA LYS A 1052 -20.67 12.28 -8.79
C LYS A 1052 -20.80 13.27 -7.64
N THR A 1053 -20.20 12.90 -6.51
CA THR A 1053 -20.43 13.54 -5.24
C THR A 1053 -19.88 14.96 -5.24
N LEU A 1054 -18.66 15.13 -5.73
CA LEU A 1054 -18.25 16.43 -6.27
C LEU A 1054 -18.86 16.35 -7.66
N ALA A 1055 -19.66 17.32 -8.06
CA ALA A 1055 -20.45 17.20 -9.31
C ALA A 1055 -19.58 16.98 -10.54
N LEU A 1056 -18.53 17.79 -10.63
CA LEU A 1056 -17.48 17.66 -11.66
C LEU A 1056 -17.94 17.96 -13.08
N ASP A 1057 -18.89 17.18 -13.57
CA ASP A 1057 -19.38 17.32 -14.94
C ASP A 1057 -20.14 18.63 -15.12
N LYS A 1058 -20.87 19.05 -14.09
CA LYS A 1058 -21.58 20.33 -14.08
C LYS A 1058 -20.64 21.53 -13.85
N THR A 1059 -21.21 22.73 -13.89
CA THR A 1059 -20.47 23.96 -13.61
C THR A 1059 -20.20 24.10 -12.12
N GLU A 1060 -19.38 25.09 -11.77
CA GLU A 1060 -19.20 25.50 -10.38
C GLU A 1060 -20.54 25.84 -9.74
N GLN A 1061 -21.16 26.91 -10.22
CA GLN A 1061 -22.43 27.38 -9.68
C GLN A 1061 -23.46 26.26 -9.56
N GLU A 1062 -23.50 25.39 -10.56
CA GLU A 1062 -24.41 24.24 -10.56
C GLU A 1062 -24.12 23.26 -9.41
N ALA A 1063 -22.84 22.98 -9.15
CA ALA A 1063 -22.44 22.01 -8.13
C ALA A 1063 -22.75 22.48 -6.72
N LEU A 1064 -22.62 23.79 -6.50
CA LEU A 1064 -22.96 24.42 -5.23
C LEU A 1064 -24.46 24.30 -4.96
N GLU A 1065 -25.26 24.35 -6.04
CA GLU A 1065 -26.72 24.20 -5.98
C GLU A 1065 -27.13 22.77 -5.64
N TYR A 1066 -26.49 21.80 -6.29
CA TYR A 1066 -26.73 20.37 -6.04
C TYR A 1066 -26.40 19.94 -4.60
N PHE A 1067 -25.27 20.42 -4.08
CA PHE A 1067 -24.82 20.10 -2.70
C PHE A 1067 -25.82 20.64 -1.67
N MET A 1068 -26.28 21.87 -1.91
CA MET A 1068 -27.33 22.49 -1.12
C MET A 1068 -28.59 21.65 -1.17
N LYS A 1069 -28.95 21.20 -2.37
CA LYS A 1069 -30.05 20.28 -2.58
C LYS A 1069 -29.82 19.01 -1.76
N GLN A 1070 -28.64 18.92 -1.15
CA GLN A 1070 -28.28 17.80 -0.29
C GLN A 1070 -28.18 18.19 1.17
N MET A 1071 -28.01 19.49 1.44
CA MET A 1071 -27.65 19.96 2.78
C MET A 1071 -28.81 20.16 3.75
N ASN A 1072 -29.66 21.17 3.52
CA ASN A 1072 -30.84 21.39 4.38
C ASN A 1072 -31.95 20.33 4.21
N ASP A 1073 -31.49 19.08 4.07
CA ASP A 1073 -32.32 17.89 4.07
C ASP A 1073 -31.91 16.97 5.24
N ALA A 1074 -31.95 15.66 5.01
CA ALA A 1074 -31.78 14.64 6.06
C ALA A 1074 -32.91 14.67 7.11
N ARG A 1075 -32.95 15.72 7.94
CA ARG A 1075 -33.84 15.81 9.11
C ARG A 1075 -33.44 14.79 10.19
N HIS A 1076 -34.45 14.26 10.90
CA HIS A 1076 -34.32 13.21 11.93
C HIS A 1076 -32.90 12.71 12.18
N ASP A 1084 -35.24 4.28 21.45
CA ASP A 1084 -34.39 3.44 20.63
C ASP A 1084 -33.46 4.24 19.72
N TRP A 1085 -32.20 3.79 19.62
CA TRP A 1085 -31.15 4.47 18.85
C TRP A 1085 -30.02 3.54 18.46
N ILE A 1086 -29.92 2.39 19.14
CA ILE A 1086 -28.97 1.35 18.78
C ILE A 1086 -29.38 0.74 17.42
N PHE A 1087 -30.70 0.63 17.20
CA PHE A 1087 -31.23 -0.09 16.04
C PHE A 1087 -32.06 0.76 15.06
N HIS A 1088 -33.02 1.54 15.57
CA HIS A 1088 -34.03 2.27 14.76
C HIS A 1088 -35.37 1.47 14.68
N THR A 1089 -36.50 2.16 14.87
CA THR A 1089 -37.85 1.60 14.59
C THR A 1089 -38.83 2.75 14.26
N ILE A 1090 -40.00 2.77 14.92
CA ILE A 1090 -40.96 3.86 14.76
C ILE A 1090 -41.29 4.49 16.11
N SER B 6 -40.02 7.03 -35.26
CA SER B 6 -38.70 6.89 -34.59
C SER B 6 -38.01 8.25 -34.54
N LEU B 7 -37.80 8.77 -33.33
CA LEU B 7 -37.09 10.04 -33.15
C LEU B 7 -36.26 10.04 -31.86
N GLN B 8 -36.72 10.77 -30.83
CA GLN B 8 -35.99 10.90 -29.56
C GLN B 8 -36.12 9.67 -28.67
N ASN B 9 -36.47 8.53 -29.27
CA ASN B 9 -36.89 7.36 -28.51
C ASN B 9 -36.82 6.08 -29.34
N ALA B 10 -35.61 5.60 -29.58
CA ALA B 10 -35.40 4.40 -30.40
C ALA B 10 -34.80 3.26 -29.57
N GLU B 11 -34.26 2.26 -30.27
CA GLU B 11 -33.57 1.13 -29.66
C GLU B 11 -32.40 1.56 -28.79
N TRP B 12 -31.51 2.35 -29.40
CA TRP B 12 -30.18 2.65 -28.86
C TRP B 12 -30.13 3.90 -28.01
N TYR B 13 -31.24 4.63 -27.95
CA TYR B 13 -31.33 5.80 -27.06
C TYR B 13 -31.57 5.33 -25.63
N TRP B 14 -30.56 5.50 -24.78
CA TRP B 14 -30.66 5.12 -23.37
C TRP B 14 -30.67 6.35 -22.45
N GLY B 15 -29.96 7.41 -22.87
CA GLY B 15 -29.93 8.69 -22.17
C GLY B 15 -29.63 8.65 -20.68
N ASP B 16 -30.62 8.19 -19.93
CA ASP B 16 -30.60 8.12 -18.46
C ASP B 16 -29.35 7.45 -17.85
N ILE B 17 -28.56 6.77 -18.66
CA ILE B 17 -27.33 6.09 -18.19
C ILE B 17 -26.07 6.95 -18.30
N SER B 18 -25.07 6.62 -17.49
CA SER B 18 -23.78 7.32 -17.51
C SER B 18 -22.59 6.39 -17.79
N ARG B 19 -21.46 7.01 -18.15
CA ARG B 19 -20.24 6.37 -18.72
C ARG B 19 -19.93 4.94 -18.26
N GLU B 20 -20.16 4.69 -16.97
CA GLU B 20 -19.83 3.42 -16.37
C GLU B 20 -20.74 2.27 -16.84
N GLU B 21 -21.99 2.59 -17.16
CA GLU B 21 -23.01 1.58 -17.49
C GLU B 21 -22.89 1.07 -18.92
N VAL B 22 -22.70 1.99 -19.86
CA VAL B 22 -22.45 1.68 -21.28
C VAL B 22 -21.14 0.91 -21.43
N ASN B 23 -20.18 1.24 -20.57
CA ASN B 23 -18.86 0.63 -20.54
C ASN B 23 -18.96 -0.88 -20.39
N GLU B 24 -19.84 -1.31 -19.49
CA GLU B 24 -20.03 -2.71 -19.17
C GLU B 24 -21.01 -3.42 -20.12
N LYS B 25 -21.92 -2.66 -20.71
CA LYS B 25 -22.87 -3.21 -21.69
C LYS B 25 -22.20 -3.56 -23.02
N LEU B 26 -21.20 -2.77 -23.38
CA LEU B 26 -20.42 -3.00 -24.60
C LEU B 26 -19.35 -4.11 -24.46
N ARG B 27 -19.11 -4.57 -23.23
CA ARG B 27 -18.05 -5.56 -22.94
C ARG B 27 -17.99 -6.75 -23.92
N ASP B 28 -16.86 -6.82 -24.63
CA ASP B 28 -16.53 -7.93 -25.55
C ASP B 28 -17.57 -8.18 -26.64
N THR B 29 -17.63 -7.26 -27.61
CA THR B 29 -18.61 -7.30 -28.71
C THR B 29 -17.97 -6.83 -30.03
N ALA B 30 -18.56 -7.24 -31.15
CA ALA B 30 -17.98 -7.02 -32.50
C ALA B 30 -17.83 -5.55 -32.93
N ASP B 31 -16.89 -5.32 -33.85
CA ASP B 31 -16.63 -4.00 -34.43
C ASP B 31 -17.90 -3.40 -35.06
N GLY B 32 -18.63 -2.61 -34.27
CA GLY B 32 -19.83 -1.93 -34.77
C GLY B 32 -20.97 -1.80 -33.77
N THR B 33 -20.81 -2.40 -32.60
CA THR B 33 -21.81 -2.32 -31.53
C THR B 33 -21.91 -0.89 -30.99
N PHE B 34 -23.13 -0.36 -30.96
CA PHE B 34 -23.34 1.05 -30.67
C PHE B 34 -24.59 1.33 -29.84
N LEU B 35 -24.56 2.49 -29.19
CA LEU B 35 -25.75 3.13 -28.63
C LEU B 35 -25.52 4.64 -28.54
N VAL B 36 -26.56 5.38 -28.14
CA VAL B 36 -26.42 6.82 -27.91
C VAL B 36 -26.87 7.12 -26.47
N ARG B 37 -26.37 8.24 -25.94
CA ARG B 37 -26.36 8.51 -24.51
C ARG B 37 -26.77 9.96 -24.27
N ASP B 38 -26.97 10.33 -23.01
CA ASP B 38 -27.06 11.75 -22.65
C ASP B 38 -25.71 12.25 -22.17
N ALA B 39 -25.22 13.32 -22.81
CA ALA B 39 -23.91 13.91 -22.51
C ALA B 39 -23.91 14.72 -21.19
N SER B 40 -22.72 14.99 -20.68
CA SER B 40 -22.56 15.65 -19.37
C SER B 40 -23.10 17.08 -19.33
N THR B 41 -22.33 18.05 -19.83
CA THR B 41 -22.78 19.45 -19.90
C THR B 41 -23.81 19.66 -21.02
N LYS B 42 -24.93 20.29 -20.66
CA LYS B 42 -26.10 20.39 -21.56
C LYS B 42 -26.47 21.83 -21.89
N MET B 43 -26.80 22.06 -23.16
CA MET B 43 -27.32 23.35 -23.66
C MET B 43 -28.83 23.21 -23.91
N HIS B 44 -29.52 22.64 -22.91
CA HIS B 44 -30.88 22.08 -23.03
C HIS B 44 -30.86 20.67 -23.64
N GLY B 45 -29.66 20.18 -23.99
CA GLY B 45 -29.48 18.86 -24.58
C GLY B 45 -28.29 18.67 -25.52
N ASP B 46 -27.52 17.61 -25.25
CA ASP B 46 -26.46 17.11 -26.14
C ASP B 46 -26.49 15.59 -26.10
N TYR B 47 -25.87 14.94 -27.09
CA TYR B 47 -25.89 13.46 -27.17
C TYR B 47 -24.53 12.86 -27.53
N THR B 48 -24.27 11.65 -27.04
CA THR B 48 -22.99 10.98 -27.27
C THR B 48 -23.20 9.55 -27.78
N LEU B 49 -22.57 9.25 -28.91
CA LEU B 49 -22.62 7.91 -29.49
C LEU B 49 -21.37 7.14 -29.11
N THR B 50 -21.54 5.92 -28.60
CA THR B 50 -20.40 5.08 -28.23
C THR B 50 -20.25 3.86 -29.17
N LEU B 51 -19.29 3.94 -30.09
CA LEU B 51 -19.06 2.93 -31.13
C LEU B 51 -18.02 1.88 -30.74
N ARG B 52 -18.23 0.63 -31.19
CA ARG B 52 -17.25 -0.43 -30.98
C ARG B 52 -16.31 -0.60 -32.18
N LYS B 53 -15.03 -0.27 -31.99
CA LYS B 53 -13.96 -0.51 -32.99
C LYS B 53 -12.55 -0.72 -32.40
N GLY B 54 -11.93 -1.86 -32.74
CA GLY B 54 -10.52 -2.12 -32.39
C GLY B 54 -10.28 -2.82 -31.06
N GLY B 55 -11.36 -3.17 -30.35
CA GLY B 55 -11.28 -3.76 -29.02
C GLY B 55 -11.63 -2.80 -27.89
N ASN B 56 -12.08 -1.61 -28.27
CA ASN B 56 -12.34 -0.49 -27.34
C ASN B 56 -13.66 0.26 -27.53
N ASN B 57 -14.06 0.99 -26.50
CA ASN B 57 -15.20 1.89 -26.60
C ASN B 57 -14.72 3.28 -27.01
N LYS B 58 -15.27 3.77 -28.13
CA LYS B 58 -14.96 5.11 -28.62
C LYS B 58 -16.13 6.05 -28.37
N LEU B 59 -15.86 7.18 -27.72
CA LEU B 59 -16.87 8.21 -27.49
C LEU B 59 -16.86 9.22 -28.64
N ILE B 60 -18.04 9.46 -29.22
CA ILE B 60 -18.24 10.46 -30.28
C ILE B 60 -19.37 11.46 -29.94
N LYS B 61 -19.01 12.73 -29.91
CA LYS B 61 -19.94 13.82 -29.63
C LYS B 61 -20.83 14.19 -30.82
N ILE B 62 -22.14 14.07 -30.63
CA ILE B 62 -23.14 14.58 -31.57
C ILE B 62 -23.50 16.01 -31.16
N PHE B 63 -23.30 16.95 -32.08
CA PHE B 63 -23.49 18.38 -31.77
C PHE B 63 -24.89 18.91 -32.12
N HIS B 64 -25.26 20.05 -31.51
CA HIS B 64 -26.50 20.76 -31.86
C HIS B 64 -26.21 22.02 -32.68
N ARG B 65 -26.03 23.18 -32.01
CA ARG B 65 -25.76 24.46 -32.68
C ARG B 65 -26.80 24.88 -33.73
N ASP B 66 -27.68 25.80 -33.32
CA ASP B 66 -28.71 26.44 -34.17
C ASP B 66 -29.89 25.53 -34.57
N GLY B 67 -29.61 24.27 -34.90
CA GLY B 67 -30.67 23.32 -35.23
C GLY B 67 -30.36 22.37 -36.36
N LYS B 68 -29.10 21.93 -36.45
CA LYS B 68 -28.70 20.85 -37.36
C LYS B 68 -27.67 19.95 -36.67
N TYR B 69 -27.61 18.67 -37.04
CA TYR B 69 -26.74 17.71 -36.34
C TYR B 69 -25.56 17.21 -37.17
N GLY B 70 -24.53 16.71 -36.47
CA GLY B 70 -23.35 16.12 -37.10
C GLY B 70 -22.22 15.82 -36.13
N PHE B 71 -21.07 15.42 -36.68
CA PHE B 71 -19.86 15.18 -35.89
C PHE B 71 -18.84 16.33 -35.95
N SER B 72 -18.77 17.00 -37.10
CA SER B 72 -17.79 18.10 -37.30
C SER B 72 -18.35 19.37 -37.97
N ASP B 73 -17.47 20.12 -38.63
CA ASP B 73 -17.75 21.48 -39.12
C ASP B 73 -19.04 21.66 -39.95
N PRO B 74 -19.20 20.91 -41.07
CA PRO B 74 -20.46 21.08 -41.81
C PRO B 74 -21.54 20.12 -41.31
N LEU B 75 -22.36 20.59 -40.37
CA LEU B 75 -23.43 19.77 -39.77
C LEU B 75 -24.65 19.73 -40.69
N THR B 76 -24.90 18.57 -41.29
CA THR B 76 -26.06 18.42 -42.18
C THR B 76 -27.24 17.67 -41.54
N PHE B 77 -27.06 16.36 -41.30
CA PHE B 77 -28.15 15.46 -40.89
C PHE B 77 -28.84 15.90 -39.59
N SER B 78 -30.06 16.43 -39.72
CA SER B 78 -30.77 17.01 -38.59
C SER B 78 -32.10 16.35 -38.25
N SER B 79 -32.04 15.43 -37.29
CA SER B 79 -33.22 14.85 -36.63
C SER B 79 -32.72 13.79 -35.65
N VAL B 80 -31.42 13.86 -35.37
CA VAL B 80 -30.71 12.91 -34.49
C VAL B 80 -30.67 11.51 -35.12
N VAL B 81 -31.84 11.00 -35.46
CA VAL B 81 -31.98 9.68 -36.07
C VAL B 81 -31.38 9.64 -37.49
N GLU B 82 -31.58 10.69 -38.28
CA GLU B 82 -31.03 10.74 -39.64
C GLU B 82 -29.51 10.59 -39.68
N LEU B 83 -28.85 11.11 -38.64
CA LEU B 83 -27.40 10.98 -38.49
C LEU B 83 -26.94 9.52 -38.34
N ILE B 84 -27.64 8.75 -37.52
CA ILE B 84 -27.35 7.31 -37.35
C ILE B 84 -27.81 6.52 -38.58
N ASN B 85 -28.78 7.08 -39.31
CA ASN B 85 -29.36 6.45 -40.49
C ASN B 85 -28.40 6.31 -41.67
N HIS B 86 -27.42 7.21 -41.75
CA HIS B 86 -26.37 7.10 -42.76
C HIS B 86 -25.48 5.91 -42.43
N TYR B 87 -25.41 5.58 -41.14
CA TYR B 87 -24.53 4.53 -40.65
C TYR B 87 -25.33 3.39 -40.00
N LEU B 92 -19.65 4.41 -40.67
CA LEU B 92 -18.91 5.59 -40.22
C LEU B 92 -17.79 5.94 -41.19
N ALA B 93 -17.76 5.23 -42.31
CA ALA B 93 -16.70 5.33 -43.30
C ALA B 93 -16.24 6.77 -43.58
N GLN B 94 -17.18 7.63 -43.96
CA GLN B 94 -16.87 8.98 -44.46
C GLN B 94 -16.12 9.89 -43.48
N TYR B 95 -16.74 10.18 -42.34
CA TYR B 95 -16.08 10.98 -41.30
C TYR B 95 -14.86 10.20 -40.80
N ASN B 96 -13.68 10.61 -41.29
CA ASN B 96 -12.38 9.93 -41.05
C ASN B 96 -12.28 8.47 -41.49
N PRO B 97 -11.17 8.10 -42.18
CA PRO B 97 -11.06 6.74 -42.70
C PRO B 97 -10.57 5.72 -41.66
N LYS B 98 -10.06 6.21 -40.52
CA LYS B 98 -9.59 5.33 -39.44
C LYS B 98 -10.78 4.66 -38.72
N LEU B 99 -11.97 5.21 -38.95
CA LEU B 99 -13.24 4.55 -38.61
C LEU B 99 -13.95 4.14 -39.90
N ASP B 100 -13.58 2.96 -40.40
CA ASP B 100 -14.06 2.47 -41.69
C ASP B 100 -15.32 1.61 -41.57
N VAL B 101 -15.48 0.96 -40.42
CA VAL B 101 -16.63 0.08 -40.15
C VAL B 101 -17.91 0.90 -39.95
N LYS B 102 -19.05 0.30 -40.30
CA LYS B 102 -20.35 0.91 -40.07
C LYS B 102 -20.86 0.59 -38.66
N LEU B 103 -22.10 0.99 -38.36
CA LEU B 103 -22.73 0.72 -37.05
C LEU B 103 -23.58 -0.56 -37.09
N LEU B 104 -22.94 -1.71 -36.83
CA LEU B 104 -23.60 -3.01 -36.95
C LEU B 104 -24.64 -3.27 -35.85
N TYR B 105 -24.21 -3.86 -34.73
CA TYR B 105 -25.07 -4.18 -33.58
C TYR B 105 -25.72 -2.92 -32.98
N PRO B 106 -27.07 -2.88 -32.91
CA PRO B 106 -27.71 -1.97 -31.93
C PRO B 106 -27.60 -2.53 -30.48
N VAL B 107 -28.30 -1.94 -29.51
CA VAL B 107 -28.30 -2.50 -28.15
C VAL B 107 -29.71 -2.88 -27.66
N SER B 108 -30.60 -1.88 -27.55
CA SER B 108 -32.06 -2.07 -27.32
C SER B 108 -32.47 -2.73 -25.99
N LYS B 109 -33.75 -2.59 -25.66
CA LYS B 109 -34.28 -3.11 -24.40
C LYS B 109 -35.41 -4.13 -24.59
N TYR B 110 -35.53 -5.04 -23.62
CA TYR B 110 -36.45 -6.19 -23.69
C TYR B 110 -37.36 -6.22 -22.46
N LYS B 126 -41.74 -5.20 -6.24
CA LYS B 126 -41.19 -6.54 -6.04
C LYS B 126 -42.14 -7.64 -6.53
N LYS B 127 -42.52 -7.58 -7.81
CA LYS B 127 -43.33 -8.64 -8.46
C LYS B 127 -42.50 -9.88 -8.84
N LEU B 128 -41.28 -9.64 -9.35
CA LEU B 128 -40.36 -10.71 -9.72
C LEU B 128 -39.46 -11.07 -8.53
N HIS B 129 -40.12 -11.24 -7.38
CA HIS B 129 -39.49 -11.58 -6.10
C HIS B 129 -38.68 -12.87 -6.18
N GLU B 130 -39.27 -13.88 -6.83
CA GLU B 130 -38.77 -15.25 -6.83
C GLU B 130 -37.54 -15.50 -7.71
N TYR B 131 -37.39 -14.72 -8.77
CA TYR B 131 -36.34 -14.98 -9.78
C TYR B 131 -35.08 -14.12 -9.54
N ASN B 132 -34.86 -13.81 -8.27
CA ASN B 132 -33.74 -13.01 -7.79
C ASN B 132 -33.21 -13.57 -6.48
N THR B 133 -34.10 -14.22 -5.72
CA THR B 133 -33.74 -14.83 -4.43
C THR B 133 -32.77 -16.01 -4.58
N GLN B 134 -32.58 -16.43 -5.84
CA GLN B 134 -31.60 -17.44 -6.18
C GLN B 134 -30.23 -16.77 -6.31
N PHE B 135 -30.23 -15.54 -6.82
CA PHE B 135 -29.03 -14.69 -6.87
C PHE B 135 -28.55 -14.34 -5.46
N GLN B 136 -29.48 -14.29 -4.52
CA GLN B 136 -29.15 -14.10 -3.11
C GLN B 136 -28.38 -15.31 -2.57
N GLU B 137 -28.93 -16.51 -2.79
CA GLU B 137 -28.47 -17.72 -2.10
C GLU B 137 -27.48 -18.60 -2.84
N LYS B 138 -27.39 -18.46 -4.17
CA LYS B 138 -26.31 -19.12 -4.91
C LYS B 138 -25.06 -18.28 -4.73
N SER B 139 -25.24 -16.96 -4.70
CA SER B 139 -24.15 -16.05 -4.40
C SER B 139 -23.79 -16.10 -2.92
N ARG B 140 -24.73 -16.56 -2.09
CA ARG B 140 -24.42 -16.89 -0.70
C ARG B 140 -23.22 -17.81 -0.65
N GLU B 141 -23.30 -18.92 -1.38
CA GLU B 141 -22.25 -19.94 -1.38
C GLU B 141 -20.99 -19.58 -2.18
N TYR B 142 -21.10 -18.67 -3.16
CA TYR B 142 -19.91 -18.22 -3.92
C TYR B 142 -19.06 -17.27 -3.07
N ASP B 143 -19.71 -16.58 -2.13
CA ASP B 143 -19.00 -15.81 -1.13
C ASP B 143 -18.67 -16.69 0.08
N ARG B 144 -19.09 -17.95 0.02
CA ARG B 144 -18.72 -18.95 1.04
C ARG B 144 -17.67 -19.90 0.47
N LEU B 145 -17.70 -20.12 -0.85
CA LEU B 145 -16.72 -20.97 -1.51
C LEU B 145 -15.40 -20.24 -1.72
N TYR B 146 -15.44 -18.96 -2.09
CA TYR B 146 -14.20 -18.19 -2.24
C TYR B 146 -13.46 -18.15 -0.93
N GLU B 147 -14.20 -18.35 0.14
CA GLU B 147 -13.60 -18.41 1.45
C GLU B 147 -12.84 -19.72 1.62
N GLU B 148 -13.58 -20.82 1.57
CA GLU B 148 -13.00 -22.16 1.62
C GLU B 148 -11.79 -22.26 0.70
N TYR B 149 -11.87 -21.55 -0.42
CA TYR B 149 -10.84 -21.50 -1.46
C TYR B 149 -9.58 -20.79 -0.97
N THR B 150 -9.74 -19.55 -0.50
CA THR B 150 -8.63 -18.75 0.04
C THR B 150 -7.93 -19.43 1.22
N ARG B 151 -8.73 -19.91 2.17
CA ARG B 151 -8.20 -20.52 3.39
C ARG B 151 -7.35 -21.75 3.06
N THR B 152 -7.87 -22.62 2.19
CA THR B 152 -7.20 -23.85 1.75
C THR B 152 -5.86 -23.57 1.09
N SER B 153 -5.83 -22.51 0.29
CA SER B 153 -4.62 -22.18 -0.46
C SER B 153 -3.49 -21.84 0.49
N GLN B 154 -3.74 -20.89 1.40
CA GLN B 154 -2.80 -20.56 2.49
C GLN B 154 -2.41 -21.82 3.26
N GLU B 155 -3.43 -22.58 3.66
CA GLU B 155 -3.26 -23.79 4.47
C GLU B 155 -2.41 -24.83 3.76
N ILE B 156 -2.61 -25.00 2.45
CA ILE B 156 -1.82 -25.94 1.66
C ILE B 156 -0.35 -25.50 1.68
N GLN B 157 -0.15 -24.21 1.42
CA GLN B 157 1.18 -23.65 1.26
C GLN B 157 1.94 -23.80 2.56
N MET B 158 1.22 -23.71 3.68
CA MET B 158 1.78 -24.00 5.00
C MET B 158 2.33 -25.44 5.05
N LYS B 159 1.49 -26.42 4.69
CA LYS B 159 1.88 -27.83 4.65
C LYS B 159 3.05 -28.07 3.72
N ARG B 160 3.07 -27.36 2.59
CA ARG B 160 4.17 -27.47 1.65
C ARG B 160 5.48 -27.08 2.34
N THR B 161 5.44 -25.95 3.04
CA THR B 161 6.66 -25.37 3.64
C THR B 161 7.07 -26.09 4.91
N ALA B 162 6.13 -26.82 5.50
CA ALA B 162 6.41 -27.67 6.65
C ALA B 162 7.12 -28.94 6.22
N ILE B 163 6.64 -29.56 5.15
CA ILE B 163 7.34 -30.67 4.52
C ILE B 163 8.79 -30.30 4.25
N GLU B 164 9.01 -29.12 3.68
CA GLU B 164 10.35 -28.59 3.44
C GLU B 164 11.19 -28.62 4.71
N ALA B 165 10.60 -28.21 5.82
CA ALA B 165 11.29 -28.17 7.10
C ALA B 165 11.59 -29.56 7.62
N PHE B 166 10.68 -30.51 7.35
CA PHE B 166 10.83 -31.94 7.73
C PHE B 166 12.05 -32.62 7.10
N ASN B 167 12.12 -32.64 5.76
CA ASN B 167 13.28 -33.22 5.06
C ASN B 167 14.56 -32.65 5.67
N GLU B 168 14.53 -31.34 5.92
CA GLU B 168 15.70 -30.61 6.40
C GLU B 168 16.09 -31.07 7.79
N THR B 169 15.09 -31.39 8.59
CA THR B 169 15.32 -31.93 9.92
C THR B 169 15.89 -33.31 9.70
N ILE B 170 15.22 -34.09 8.85
CA ILE B 170 15.64 -35.44 8.55
C ILE B 170 17.10 -35.47 8.11
N LYS B 171 17.51 -34.50 7.28
CA LYS B 171 18.88 -34.46 6.82
C LYS B 171 19.90 -34.16 7.94
N ILE B 172 19.44 -33.66 9.09
CA ILE B 172 20.35 -33.34 10.19
C ILE B 172 20.66 -34.56 11.04
N PHE B 173 19.61 -35.26 11.46
CA PHE B 173 19.74 -36.47 12.26
C PHE B 173 20.49 -37.55 11.51
N GLU B 174 20.18 -37.69 10.21
CA GLU B 174 20.93 -38.58 9.33
C GLU B 174 22.41 -38.24 9.41
N GLU B 175 22.76 -36.98 9.16
CA GLU B 175 24.15 -36.52 9.29
C GLU B 175 24.71 -36.70 10.70
N GLN B 176 23.83 -36.89 11.69
CA GLN B 176 24.26 -37.18 13.06
C GLN B 176 24.75 -38.62 13.17
N CYS B 177 24.18 -39.51 12.35
CA CYS B 177 24.67 -40.89 12.24
C CYS B 177 26.11 -40.93 11.73
N GLN B 178 26.36 -40.23 10.63
CA GLN B 178 27.70 -40.03 10.10
C GLN B 178 28.67 -39.54 11.18
N THR B 179 28.23 -38.56 11.97
CA THR B 179 29.03 -38.01 13.05
C THR B 179 29.18 -39.02 14.20
N GLN B 180 28.48 -40.15 14.12
CA GLN B 180 28.60 -41.16 15.18
C GLN B 180 29.35 -42.47 14.79
N GLU B 181 29.12 -43.01 13.59
CA GLU B 181 29.94 -44.14 13.12
C GLU B 181 31.41 -43.74 13.11
N ARG B 182 31.75 -42.71 12.34
CA ARG B 182 33.00 -41.98 12.56
C ARG B 182 32.88 -41.39 13.96
N TYR B 183 33.95 -41.51 14.75
CA TYR B 183 33.97 -41.10 16.17
C TYR B 183 33.69 -42.25 17.13
N SER B 184 32.87 -43.22 16.72
CA SER B 184 32.60 -44.37 17.59
C SER B 184 33.00 -45.71 16.98
N LYS B 185 33.26 -45.72 15.67
CA LYS B 185 33.78 -46.92 15.01
C LYS B 185 35.27 -47.08 15.32
N GLU B 186 35.95 -45.95 15.55
CA GLU B 186 37.35 -45.95 15.99
C GLU B 186 37.48 -45.89 17.51
N TYR B 187 36.44 -46.35 18.19
CA TYR B 187 36.39 -46.43 19.65
C TYR B 187 35.61 -47.70 20.06
N ILE B 188 34.91 -48.29 19.09
CA ILE B 188 34.24 -49.60 19.27
C ILE B 188 35.29 -50.70 19.28
N GLU B 189 36.53 -50.29 19.08
CA GLU B 189 37.68 -51.19 19.03
C GLU B 189 38.70 -50.81 20.13
N LYS B 190 38.82 -49.50 20.38
CA LYS B 190 39.73 -48.98 21.42
C LYS B 190 39.25 -49.39 22.83
N PHE B 191 37.96 -49.18 23.10
CA PHE B 191 37.29 -49.63 24.34
C PHE B 191 37.16 -51.16 24.42
N LYS B 192 37.27 -51.83 23.28
CA LYS B 192 37.19 -53.30 23.17
C LYS B 192 38.35 -54.00 23.86
N ARG B 193 39.45 -53.27 24.04
CA ARG B 193 40.70 -53.85 24.51
C ARG B 193 41.18 -53.25 25.84
N GLU B 194 40.71 -52.04 26.14
CA GLU B 194 41.15 -51.27 27.34
C GLU B 194 41.02 -51.98 28.69
N GLY B 195 40.76 -53.28 28.66
CA GLY B 195 40.50 -54.06 29.87
C GLY B 195 39.07 -53.88 30.32
N ASN B 196 38.47 -52.76 29.92
CA ASN B 196 37.11 -52.40 30.29
C ASN B 196 36.25 -52.00 29.08
N GLU B 197 35.54 -52.99 28.53
CA GLU B 197 34.55 -52.78 27.49
C GLU B 197 33.28 -52.27 28.16
N LYS B 198 32.16 -52.98 27.98
CA LYS B 198 30.91 -52.74 28.74
C LYS B 198 30.32 -51.33 28.57
N GLU B 199 31.19 -50.34 28.43
CA GLU B 199 30.84 -48.96 28.09
C GLU B 199 30.28 -48.90 26.66
N ILE B 200 30.83 -49.74 25.79
CA ILE B 200 30.49 -49.80 24.36
C ILE B 200 29.04 -50.25 24.10
N GLN B 201 28.41 -50.81 25.13
CA GLN B 201 27.09 -51.40 25.00
C GLN B 201 26.01 -50.44 25.48
N ARG B 202 26.42 -49.51 26.36
CA ARG B 202 25.57 -48.39 26.78
C ARG B 202 25.69 -47.25 25.77
N ILE B 203 26.52 -47.47 24.74
CA ILE B 203 26.67 -46.55 23.61
C ILE B 203 25.66 -46.89 22.52
N MET B 204 25.51 -48.18 22.23
CA MET B 204 24.55 -48.67 21.24
C MET B 204 23.12 -48.23 21.57
N HIS B 205 22.81 -48.09 22.86
CA HIS B 205 21.51 -47.58 23.31
C HIS B 205 21.21 -46.23 22.66
N ASN B 206 22.22 -45.36 22.61
CA ASN B 206 22.10 -44.05 22.00
C ASN B 206 21.86 -44.15 20.49
N TYR B 207 22.51 -45.11 19.84
CA TYR B 207 22.31 -45.37 18.42
C TYR B 207 20.90 -45.93 18.15
N ASP B 208 20.40 -46.71 19.11
CA ASP B 208 19.08 -47.32 19.00
C ASP B 208 17.97 -46.28 19.03
N LYS B 209 18.13 -45.27 19.89
CA LYS B 209 17.21 -44.11 19.95
C LYS B 209 17.38 -43.20 18.73
N LEU B 210 18.62 -43.01 18.31
CA LEU B 210 18.91 -42.16 17.15
C LEU B 210 18.18 -42.67 15.92
N LYS B 211 18.32 -43.94 15.60
CA LYS B 211 17.68 -44.55 14.44
C LYS B 211 16.18 -44.75 14.67
N SER B 212 15.80 -44.96 15.93
CA SER B 212 14.38 -45.02 16.34
C SER B 212 13.73 -43.67 16.16
N ARG B 213 14.50 -42.62 16.42
CA ARG B 213 14.05 -41.23 16.42
C ARG B 213 13.84 -40.72 15.00
N ILE B 214 14.81 -41.03 14.11
CA ILE B 214 14.72 -40.69 12.69
C ILE B 214 13.47 -41.30 12.04
N SER B 215 13.19 -42.58 12.32
CA SER B 215 12.00 -43.24 11.80
C SER B 215 10.70 -42.51 12.11
N GLU B 216 10.56 -42.06 13.37
CA GLU B 216 9.40 -41.26 13.79
C GLU B 216 9.27 -40.01 12.93
N ILE B 217 10.39 -39.30 12.73
CA ILE B 217 10.43 -38.05 11.96
C ILE B 217 10.02 -38.30 10.51
N ILE B 218 10.44 -39.44 9.97
CA ILE B 218 10.09 -39.86 8.60
C ILE B 218 8.60 -40.15 8.49
N ASP B 219 8.05 -40.87 9.48
CA ASP B 219 6.61 -41.09 9.54
C ASP B 219 5.84 -39.77 9.67
N SER B 220 6.26 -38.92 10.59
CA SER B 220 5.63 -37.61 10.82
C SER B 220 5.50 -36.81 9.52
N ARG B 221 6.53 -36.89 8.68
CA ARG B 221 6.55 -36.23 7.39
C ARG B 221 5.63 -36.94 6.41
N ARG B 222 5.74 -38.27 6.37
CA ARG B 222 4.89 -39.09 5.50
C ARG B 222 3.42 -38.78 5.72
N ARG B 223 2.98 -38.85 6.97
CA ARG B 223 1.58 -38.60 7.31
C ARG B 223 1.14 -37.22 6.83
N LEU B 224 2.07 -36.26 6.87
CA LEU B 224 1.82 -34.92 6.36
C LEU B 224 1.76 -34.91 4.85
N GLU B 225 2.59 -35.74 4.21
CA GLU B 225 2.61 -35.80 2.76
C GLU B 225 1.27 -36.32 2.26
N GLU B 226 0.84 -37.46 2.80
CA GLU B 226 -0.47 -37.99 2.43
C GLU B 226 -1.63 -37.26 3.13
N ASP B 227 -1.35 -36.07 3.67
CA ASP B 227 -2.40 -35.17 4.14
C ASP B 227 -2.46 -33.98 3.20
N LEU B 228 -1.30 -33.64 2.63
CA LEU B 228 -1.21 -32.59 1.61
C LEU B 228 -1.85 -33.07 0.32
N LYS B 229 -1.43 -34.23 -0.18
CA LYS B 229 -1.97 -34.74 -1.43
C LYS B 229 -3.50 -34.83 -1.37
N LYS B 230 -4.04 -35.07 -0.17
CA LYS B 230 -5.49 -35.12 0.04
C LYS B 230 -6.07 -33.78 0.47
N GLN B 231 -5.20 -32.83 0.79
CA GLN B 231 -5.60 -31.47 1.07
C GLN B 231 -5.63 -30.78 -0.29
N ALA B 232 -4.60 -31.03 -1.09
CA ALA B 232 -4.48 -30.48 -2.43
C ALA B 232 -5.73 -30.82 -3.24
N ALA B 233 -5.99 -32.12 -3.33
CA ALA B 233 -7.14 -32.65 -4.07
C ALA B 233 -8.42 -31.93 -3.68
N GLU B 234 -8.62 -31.76 -2.38
CA GLU B 234 -9.77 -31.05 -1.83
C GLU B 234 -9.93 -29.67 -2.45
N TYR B 235 -8.80 -29.01 -2.71
CA TYR B 235 -8.76 -27.64 -3.28
C TYR B 235 -9.29 -27.59 -4.70
N ARG B 236 -8.83 -28.53 -5.53
CA ARG B 236 -9.35 -28.74 -6.89
C ARG B 236 -10.89 -28.83 -6.95
N GLU B 237 -11.48 -29.48 -5.94
CA GLU B 237 -12.93 -29.61 -5.85
C GLU B 237 -13.60 -28.27 -5.54
N ILE B 238 -13.03 -27.53 -4.59
CA ILE B 238 -13.51 -26.19 -4.22
C ILE B 238 -13.45 -25.24 -5.42
N ASP B 239 -12.45 -25.44 -6.27
CA ASP B 239 -12.36 -24.70 -7.50
C ASP B 239 -13.42 -25.19 -8.48
N LYS B 240 -13.49 -26.52 -8.66
CA LYS B 240 -14.38 -27.09 -9.67
C LYS B 240 -15.79 -26.51 -9.58
N ARG B 241 -16.34 -26.49 -8.36
CA ARG B 241 -17.71 -26.01 -8.11
C ARG B 241 -17.82 -24.52 -8.41
N MET B 242 -16.72 -23.80 -8.15
CA MET B 242 -16.69 -22.35 -8.31
C MET B 242 -16.78 -21.93 -9.77
N ASN B 243 -16.01 -22.62 -10.62
CA ASN B 243 -16.03 -22.32 -12.04
C ASN B 243 -17.34 -22.76 -12.67
N SER B 244 -18.11 -23.56 -11.94
CA SER B 244 -19.43 -24.00 -12.39
C SER B 244 -20.58 -23.16 -11.80
N ILE B 245 -20.32 -22.43 -10.71
CA ILE B 245 -21.27 -21.42 -10.24
C ILE B 245 -21.15 -20.18 -11.10
N LYS B 246 -19.90 -19.73 -11.28
CA LYS B 246 -19.54 -18.50 -12.01
C LYS B 246 -20.46 -18.13 -13.17
N PRO B 247 -20.54 -18.99 -14.21
CA PRO B 247 -21.37 -18.63 -15.37
C PRO B 247 -22.86 -18.56 -15.05
N ASP B 248 -23.37 -19.41 -14.16
CA ASP B 248 -24.78 -19.38 -13.78
C ASP B 248 -25.12 -18.14 -12.97
N LEU B 249 -24.12 -17.58 -12.31
CA LEU B 249 -24.26 -16.32 -11.59
C LEU B 249 -24.54 -15.16 -12.55
N ILE B 250 -23.81 -15.10 -13.66
CA ILE B 250 -23.92 -13.99 -14.62
C ILE B 250 -25.28 -13.91 -15.32
N GLN B 251 -25.96 -15.06 -15.45
CA GLN B 251 -27.23 -15.12 -16.18
C GLN B 251 -28.41 -14.60 -15.37
N LEU B 252 -28.49 -14.99 -14.10
CA LEU B 252 -29.48 -14.41 -13.18
C LEU B 252 -29.31 -12.89 -13.10
N ARG B 253 -28.09 -12.44 -12.82
CA ARG B 253 -27.69 -11.02 -12.78
C ARG B 253 -28.21 -10.24 -13.99
N LYS B 254 -28.41 -10.97 -15.09
CA LYS B 254 -28.80 -10.42 -16.38
C LYS B 254 -30.28 -10.72 -16.72
N THR B 255 -30.87 -11.70 -16.01
CA THR B 255 -32.31 -11.96 -16.08
C THR B 255 -33.02 -11.01 -15.10
N ARG B 256 -32.22 -10.21 -14.40
CA ARG B 256 -32.69 -9.34 -13.33
C ARG B 256 -32.94 -7.92 -13.81
N ASP B 257 -31.87 -7.27 -14.25
CA ASP B 257 -31.91 -5.87 -14.65
C ASP B 257 -32.72 -5.67 -15.93
N GLN B 258 -32.62 -6.65 -16.85
CA GLN B 258 -33.39 -6.67 -18.10
C GLN B 258 -34.60 -7.59 -17.98
#